data_8WFS
#
_entry.id   8WFS
#
_cell.length_a   1.00
_cell.length_b   1.00
_cell.length_c   1.00
_cell.angle_alpha   90.00
_cell.angle_beta   90.00
_cell.angle_gamma   90.00
#
_symmetry.space_group_name_H-M   'P 1'
#
loop_
_entity.id
_entity.type
_entity.pdbx_description
1 polymer 'Platelet glycoprotein Ib beta chain'
2 polymer 'Platelet glycoprotein IX'
3 polymer 'Platelet glycoprotein Ib alpha chain'
4 branched 2-acetamido-2-deoxy-beta-D-glucopyranose-(1-4)-2-acetamido-2-deoxy-beta-D-glucopyranose
5 branched beta-D-mannopyranose-(1-4)-2-acetamido-2-deoxy-beta-D-glucopyranose-(1-4)-2-acetamido-2-deoxy-beta-D-glucopyranose
#
loop_
_entity_poly.entity_id
_entity_poly.type
_entity_poly.pdbx_seq_one_letter_code
_entity_poly.pdbx_strand_id
1 'polypeptide(L)'
;CPAPCSCAGTLVDCGRRGLTWASLPTAFPVDTTELVLTGNNLTALPPGLLDALPALRTAHLGANPWRCDCRLVPLRAWLA
GRPERAPYRDLRCVAPPALRGRLLPYLAEDELRAACAPGPLCWGALAAQLALLGLGLLHALLLVLLLSRLRRLRARARAR
AAARLSLTDPLVAERAGTDESGSGDYKDDDDK
;
c,C,B,b
2 'polypeptide(L)'
;TKDCPSPCTCRALETMGLWVDCRGHGLTALPALPARTRHLLLANNSLQSVPPGAFDHLPQLQTLDVTQNPWHCDCSLTYL
RLWLEDRTPEALLQVRCASPSLAAHGPLGRLTGYQLGSCGWQLQASWVRPGVLWDVALVAVAALGLALLAGLLSATTEAL
DSAWSHPQFEKGGGSGGGSGGSAWSHPQFEK
;
E,X
3 'polypeptide(L)'
;PDFCCLLPLGFYVLGLFWLLFASVVLILLLSWVGHVKPQALDSGQGAALTTATQTTHLELQRGRQVTVPRAWLLFLRGEL
PTFRSSLFLWVRPNGRVGPLVAGRRPSALSQGRGQDLLSTVSIRYSGHELGGHHHHHHHH
;
a
#
loop_
_chem_comp.id
_chem_comp.type
_chem_comp.name
_chem_comp.formula
BMA D-saccharide, beta linking beta-D-mannopyranose 'C6 H12 O6'
NAG D-saccharide, beta linking 2-acetamido-2-deoxy-beta-D-glucopyranose 'C8 H15 N O6'
#
# COMPACT_ATOMS: atom_id res chain seq x y z
N CYS A 1 36.04 24.77 -11.39
CA CYS A 1 34.95 25.56 -11.94
C CYS A 1 35.47 26.85 -12.59
N PRO A 2 34.81 27.28 -13.66
CA PRO A 2 35.23 28.51 -14.33
C PRO A 2 34.95 29.74 -13.49
N ALA A 3 35.56 30.85 -13.90
CA ALA A 3 35.37 32.11 -13.18
C ALA A 3 33.91 32.53 -13.06
N PRO A 4 33.10 32.52 -14.14
CA PRO A 4 31.68 32.87 -13.96
C PRO A 4 30.94 31.92 -13.03
N CYS A 5 31.29 30.63 -13.04
CA CYS A 5 30.57 29.64 -12.28
C CYS A 5 31.17 29.51 -10.87
N SER A 6 30.54 28.68 -10.05
CA SER A 6 31.04 28.34 -8.73
C SER A 6 30.97 26.83 -8.54
N CYS A 7 31.96 26.29 -7.83
CA CYS A 7 32.03 24.85 -7.59
C CYS A 7 32.08 24.60 -6.09
N ALA A 8 31.15 23.78 -5.60
CA ALA A 8 31.10 23.37 -4.20
C ALA A 8 31.33 21.86 -4.17
N GLY A 9 32.58 21.47 -3.93
CA GLY A 9 32.91 20.05 -3.92
C GLY A 9 32.59 19.40 -5.24
N THR A 10 31.85 18.29 -5.17
CA THR A 10 31.41 17.62 -6.40
C THR A 10 30.35 18.45 -7.12
N LEU A 11 29.49 19.13 -6.37
CA LEU A 11 28.43 19.91 -6.99
C LEU A 11 28.99 21.18 -7.63
N VAL A 12 28.27 21.69 -8.62
CA VAL A 12 28.62 22.95 -9.26
C VAL A 12 27.36 23.80 -9.41
N ASP A 13 27.42 25.02 -8.91
CA ASP A 13 26.31 25.96 -8.94
C ASP A 13 26.68 27.15 -9.81
N CYS A 14 25.77 27.55 -10.69
CA CYS A 14 26.01 28.67 -11.58
C CYS A 14 24.79 29.58 -11.70
N GLY A 15 23.82 29.45 -10.80
CA GLY A 15 22.59 30.19 -10.91
C GLY A 15 22.63 31.53 -10.21
N ARG A 16 21.55 32.29 -10.40
CA ARG A 16 21.32 33.56 -9.71
C ARG A 16 22.45 34.54 -9.97
N ARG A 17 23.00 34.53 -11.18
CA ARG A 17 23.97 35.54 -11.58
C ARG A 17 23.79 36.00 -13.02
N GLY A 18 22.62 35.73 -13.61
CA GLY A 18 22.31 36.25 -14.93
C GLY A 18 23.20 35.77 -16.05
N LEU A 19 23.47 34.47 -16.09
CA LEU A 19 24.26 33.92 -17.18
C LEU A 19 23.48 33.98 -18.49
N THR A 20 24.21 34.08 -19.59
CA THR A 20 23.60 34.09 -20.92
C THR A 20 24.50 33.29 -21.86
N TRP A 21 24.15 33.31 -23.15
CA TRP A 21 24.93 32.56 -24.14
C TRP A 21 26.36 33.06 -24.20
N ALA A 22 26.57 34.36 -24.09
CA ALA A 22 27.92 34.89 -23.99
C ALA A 22 28.55 34.57 -22.63
N SER A 23 27.75 34.54 -21.56
CA SER A 23 28.27 34.33 -20.22
C SER A 23 28.31 32.87 -19.82
N LEU A 24 27.80 31.97 -20.66
CA LEU A 24 27.78 30.55 -20.33
C LEU A 24 29.19 29.98 -20.48
N PRO A 25 29.70 29.25 -19.48
CA PRO A 25 31.08 28.75 -19.58
C PRO A 25 31.24 27.76 -20.71
N THR A 26 32.47 27.67 -21.22
CA THR A 26 32.72 26.83 -22.38
C THR A 26 32.41 25.37 -22.08
N ALA A 27 32.68 24.93 -20.86
CA ALA A 27 32.43 23.54 -20.48
C ALA A 27 32.36 23.47 -18.96
N PHE A 28 32.35 22.25 -18.44
CA PHE A 28 32.26 21.96 -17.01
C PHE A 28 33.23 20.82 -16.72
N PRO A 29 33.69 20.68 -15.48
CA PRO A 29 34.54 19.54 -15.16
C PRO A 29 33.85 18.19 -14.95
N VAL A 30 34.58 17.13 -15.31
CA VAL A 30 33.97 15.85 -15.62
C VAL A 30 33.51 15.07 -14.39
N ASP A 31 33.84 15.53 -13.17
CA ASP A 31 33.55 14.77 -11.97
C ASP A 31 32.25 15.17 -11.27
N THR A 32 31.58 16.22 -11.74
CA THR A 32 30.38 16.71 -11.07
C THR A 32 29.20 15.78 -11.26
N THR A 33 28.33 15.73 -10.25
CA THR A 33 27.14 14.89 -10.27
C THR A 33 25.87 15.68 -10.52
N GLU A 34 25.72 16.83 -9.87
CA GLU A 34 24.52 17.65 -10.01
C GLU A 34 24.92 19.09 -10.25
N LEU A 35 24.33 19.71 -11.27
CA LEU A 35 24.53 21.12 -11.54
C LEU A 35 23.18 21.82 -11.64
N VAL A 36 23.17 23.08 -11.25
CA VAL A 36 21.95 23.89 -11.24
C VAL A 36 22.24 25.19 -11.98
N LEU A 37 21.30 25.61 -12.83
CA LEU A 37 21.44 26.83 -13.61
C LEU A 37 20.19 27.69 -13.50
N THR A 38 19.46 27.57 -12.40
CA THR A 38 18.22 28.32 -12.24
C THR A 38 18.49 29.81 -12.10
N GLY A 39 17.54 30.61 -12.55
CA GLY A 39 17.63 32.05 -12.38
C GLY A 39 18.75 32.74 -13.13
N ASN A 40 18.93 32.40 -14.39
CA ASN A 40 19.81 33.13 -15.29
C ASN A 40 19.01 33.60 -16.50
N ASN A 41 19.70 34.16 -17.49
CA ASN A 41 19.09 34.62 -18.73
C ASN A 41 19.32 33.64 -19.87
N LEU A 42 19.36 32.34 -19.57
CA LEU A 42 19.68 31.34 -20.57
C LEU A 42 18.48 31.14 -21.49
N THR A 43 18.62 31.56 -22.76
CA THR A 43 17.58 31.30 -23.74
C THR A 43 17.58 29.84 -24.17
N ALA A 44 18.77 29.28 -24.41
CA ALA A 44 18.91 27.89 -24.80
C ALA A 44 20.31 27.42 -24.46
N LEU A 45 20.49 26.11 -24.42
CA LEU A 45 21.82 25.64 -24.11
C LEU A 45 22.57 25.22 -25.37
N PRO A 46 23.84 25.60 -25.50
CA PRO A 46 24.59 25.24 -26.69
C PRO A 46 24.78 23.74 -26.77
N PRO A 47 24.93 23.18 -27.97
CA PRO A 47 25.03 21.73 -28.10
C PRO A 47 26.30 21.19 -27.48
N GLY A 48 26.21 19.95 -26.99
CA GLY A 48 27.37 19.29 -26.44
C GLY A 48 27.85 19.82 -25.12
N LEU A 49 26.98 20.51 -24.37
CA LEU A 49 27.38 21.13 -23.11
C LEU A 49 26.94 20.30 -21.91
N LEU A 50 25.65 20.01 -21.81
CA LEU A 50 25.16 19.22 -20.69
C LEU A 50 25.50 17.74 -20.85
N ASP A 51 25.46 17.23 -22.07
CA ASP A 51 25.78 15.84 -22.34
C ASP A 51 27.28 15.58 -22.41
N ALA A 52 28.09 16.52 -21.93
CA ALA A 52 29.53 16.31 -21.78
C ALA A 52 29.92 15.96 -20.34
N LEU A 53 28.94 15.79 -19.45
CA LEU A 53 29.22 15.44 -18.06
C LEU A 53 28.89 13.97 -17.83
N PRO A 54 29.90 13.10 -17.68
CA PRO A 54 29.59 11.68 -17.48
C PRO A 54 28.73 11.39 -16.26
N ALA A 55 28.92 12.12 -15.16
CA ALA A 55 28.29 11.79 -13.90
C ALA A 55 27.07 12.65 -13.59
N LEU A 56 26.57 13.40 -14.56
CA LEU A 56 25.42 14.27 -14.33
C LEU A 56 24.22 13.45 -13.89
N ARG A 57 23.57 13.88 -12.81
CA ARG A 57 22.40 13.19 -12.28
C ARG A 57 21.14 14.07 -12.39
N THR A 58 21.16 15.26 -11.82
CA THR A 58 20.06 16.20 -11.93
C THR A 58 20.59 17.55 -12.40
N ALA A 59 19.92 18.13 -13.39
CA ALA A 59 20.30 19.43 -13.96
C ALA A 59 19.09 20.35 -13.88
N HIS A 60 18.99 21.10 -12.78
CA HIS A 60 17.89 22.04 -12.62
C HIS A 60 17.96 23.11 -13.69
N LEU A 61 16.81 23.41 -14.30
CA LEU A 61 16.73 24.43 -15.33
C LEU A 61 15.50 25.32 -15.16
N GLY A 62 14.94 25.35 -13.96
CA GLY A 62 13.74 26.13 -13.73
C GLY A 62 14.03 27.62 -13.64
N ALA A 63 12.99 28.41 -13.89
CA ALA A 63 13.04 29.87 -13.79
C ALA A 63 14.16 30.44 -14.66
N ASN A 64 14.03 30.23 -15.96
CA ASN A 64 14.92 30.79 -16.96
C ASN A 64 14.11 31.14 -18.19
N PRO A 65 14.53 32.16 -18.96
CA PRO A 65 13.76 32.55 -20.16
C PRO A 65 14.08 31.68 -21.37
N TRP A 66 13.54 30.46 -21.36
CA TRP A 66 13.76 29.53 -22.46
C TRP A 66 12.86 29.90 -23.62
N ARG A 67 13.44 30.37 -24.71
CA ARG A 67 12.70 30.62 -25.94
C ARG A 67 12.79 29.38 -26.80
N CYS A 68 11.63 28.88 -27.23
CA CYS A 68 11.55 27.59 -27.90
C CYS A 68 11.40 27.76 -29.40
N ASP A 69 12.52 27.56 -30.09
CA ASP A 69 12.70 27.64 -31.53
C ASP A 69 13.79 26.63 -31.89
N CYS A 70 14.42 26.81 -33.05
CA CYS A 70 15.52 25.95 -33.45
C CYS A 70 16.55 25.79 -32.33
N ARG A 71 16.95 26.89 -31.71
CA ARG A 71 18.06 26.85 -30.76
C ARG A 71 17.78 26.01 -29.53
N LEU A 72 16.52 25.75 -29.21
CA LEU A 72 16.19 24.91 -28.08
C LEU A 72 16.26 23.43 -28.39
N VAL A 73 16.33 23.06 -29.67
CA VAL A 73 16.29 21.65 -30.04
C VAL A 73 17.39 20.84 -29.36
N PRO A 74 18.64 21.30 -29.27
CA PRO A 74 19.65 20.50 -28.55
C PRO A 74 19.33 20.27 -27.09
N LEU A 75 18.48 21.11 -26.48
CA LEU A 75 18.12 20.90 -25.08
C LEU A 75 17.03 19.85 -24.94
N ARG A 76 15.94 20.00 -25.68
CA ARG A 76 14.86 19.02 -25.62
C ARG A 76 15.35 17.65 -26.02
N ALA A 77 16.20 17.59 -27.06
CA ALA A 77 16.78 16.32 -27.47
C ALA A 77 17.52 15.66 -26.31
N TRP A 78 18.16 16.45 -25.46
CA TRP A 78 18.86 15.90 -24.32
C TRP A 78 17.90 15.49 -23.21
N LEU A 79 16.74 16.16 -23.11
CA LEU A 79 15.86 15.91 -21.99
C LEU A 79 15.11 14.58 -22.13
N ALA A 80 14.90 14.12 -23.36
CA ALA A 80 14.22 12.84 -23.55
C ALA A 80 15.05 11.70 -23.00
N GLY A 81 16.36 11.74 -23.19
CA GLY A 81 17.23 10.67 -22.75
C GLY A 81 17.65 10.80 -21.32
N ARG A 82 16.69 10.81 -20.40
CA ARG A 82 16.99 10.89 -18.98
C ARG A 82 16.19 9.84 -18.22
N PRO A 83 16.80 9.20 -17.22
CA PRO A 83 16.06 8.19 -16.46
C PRO A 83 15.08 8.74 -15.45
N GLU A 84 15.18 10.03 -15.11
CA GLU A 84 14.30 10.65 -14.14
C GLU A 84 13.49 11.76 -14.80
N ARG A 85 12.27 11.96 -14.31
CA ARG A 85 11.38 12.99 -14.81
C ARG A 85 10.91 13.94 -13.72
N ALA A 86 11.30 13.72 -12.48
CA ALA A 86 10.85 14.58 -11.38
C ALA A 86 11.31 16.03 -11.53
N PRO A 87 12.59 16.35 -11.76
CA PRO A 87 13.02 17.75 -11.72
C PRO A 87 12.79 18.49 -13.03
N TYR A 88 11.98 17.93 -13.92
CA TYR A 88 11.74 18.52 -15.22
C TYR A 88 10.25 18.61 -15.52
N ARG A 89 9.47 19.06 -14.54
CA ARG A 89 8.03 19.18 -14.71
C ARG A 89 7.52 20.61 -14.65
N ASP A 90 8.42 21.58 -14.52
CA ASP A 90 8.01 22.97 -14.33
C ASP A 90 8.85 23.89 -15.22
N LEU A 91 9.23 23.42 -16.40
CA LEU A 91 9.93 24.23 -17.39
C LEU A 91 8.92 24.74 -18.40
N ARG A 92 8.93 26.05 -18.65
CA ARG A 92 7.97 26.66 -19.54
C ARG A 92 8.66 27.59 -20.53
N CYS A 93 8.09 27.66 -21.73
CA CYS A 93 8.57 28.59 -22.75
C CYS A 93 8.27 30.03 -22.35
N VAL A 94 8.94 30.96 -23.02
CA VAL A 94 8.59 32.38 -22.91
C VAL A 94 8.36 33.04 -24.25
N ALA A 95 8.87 32.49 -25.35
CA ALA A 95 8.67 33.01 -26.69
C ALA A 95 8.87 31.88 -27.67
N PRO A 96 8.28 31.94 -28.87
CA PRO A 96 7.42 32.95 -29.50
C PRO A 96 6.04 33.06 -28.86
N PRO A 97 5.25 34.07 -29.22
CA PRO A 97 3.94 34.23 -28.59
C PRO A 97 3.00 33.06 -28.82
N ALA A 98 3.23 32.25 -29.84
CA ALA A 98 2.39 31.08 -30.06
C ALA A 98 2.52 30.06 -28.94
N LEU A 99 3.64 30.04 -28.22
CA LEU A 99 3.87 29.05 -27.19
C LEU A 99 4.13 29.68 -25.84
N ARG A 100 3.33 30.67 -25.44
CA ARG A 100 3.41 31.19 -24.08
C ARG A 100 3.20 30.07 -23.07
N GLY A 101 4.25 29.73 -22.33
CA GLY A 101 4.15 28.82 -21.22
C GLY A 101 3.74 27.39 -21.55
N ARG A 102 4.30 26.80 -22.60
CA ARG A 102 4.11 25.39 -22.86
C ARG A 102 5.21 24.59 -22.18
N LEU A 103 4.86 23.42 -21.67
CA LEU A 103 5.80 22.63 -20.90
C LEU A 103 6.92 22.10 -21.79
N LEU A 104 8.16 22.31 -21.36
CA LEU A 104 9.32 21.95 -22.19
C LEU A 104 9.44 20.46 -22.45
N PRO A 105 9.35 19.57 -21.46
CA PRO A 105 9.52 18.13 -21.76
C PRO A 105 8.45 17.55 -22.67
N TYR A 106 7.29 18.19 -22.77
CA TYR A 106 6.18 17.69 -23.57
C TYR A 106 6.04 18.45 -24.88
N LEU A 107 7.14 18.83 -25.49
CA LEU A 107 7.14 19.57 -26.74
C LEU A 107 7.53 18.65 -27.90
N ALA A 108 7.23 19.10 -29.11
CA ALA A 108 7.44 18.32 -30.31
C ALA A 108 8.49 18.98 -31.20
N GLU A 109 9.21 18.15 -31.95
CA GLU A 109 10.20 18.66 -32.88
C GLU A 109 9.56 19.55 -33.94
N ASP A 110 8.34 19.21 -34.35
CA ASP A 110 7.67 19.96 -35.41
C ASP A 110 7.43 21.40 -35.00
N GLU A 111 7.02 21.63 -33.75
CA GLU A 111 6.80 23.00 -33.29
C GLU A 111 8.12 23.79 -33.23
N LEU A 112 9.17 23.18 -32.68
CA LEU A 112 10.45 23.86 -32.58
C LEU A 112 11.06 24.15 -33.95
N ARG A 113 10.72 23.37 -34.97
CA ARG A 113 11.23 23.63 -36.30
C ARG A 113 10.32 24.53 -37.12
N ALA A 114 9.04 24.60 -36.78
CA ALA A 114 8.10 25.42 -37.54
C ALA A 114 8.23 26.89 -37.22
N ALA A 115 8.54 27.24 -35.98
CA ALA A 115 8.69 28.62 -35.57
C ALA A 115 10.08 29.17 -35.85
N CYS A 116 10.80 28.54 -36.78
CA CYS A 116 12.20 28.85 -37.02
C CYS A 116 12.43 29.43 -38.41
N ALA A 117 11.98 28.74 -39.45
CA ALA A 117 12.22 29.17 -40.82
C ALA A 117 10.97 29.81 -41.41
N PRO A 118 11.13 30.81 -42.29
CA PRO A 118 10.01 31.47 -42.96
C PRO A 118 9.23 30.52 -43.88
N CYS B 1 -17.56 24.06 -19.70
CA CYS B 1 -16.71 22.96 -20.16
C CYS B 1 -17.14 22.45 -21.53
N PRO B 2 -16.17 21.90 -22.29
CA PRO B 2 -16.40 21.54 -23.69
C PRO B 2 -17.78 21.01 -24.05
N ALA B 3 -18.36 21.60 -25.08
CA ALA B 3 -19.72 21.24 -25.49
C ALA B 3 -19.88 19.80 -25.96
N PRO B 4 -19.05 19.26 -26.87
CA PRO B 4 -19.43 18.03 -27.55
C PRO B 4 -19.23 16.75 -26.74
N CYS B 5 -19.03 16.84 -25.43
CA CYS B 5 -18.97 15.63 -24.62
C CYS B 5 -19.37 15.96 -23.19
N SER B 6 -19.70 14.91 -22.44
CA SER B 6 -20.30 15.09 -21.12
C SER B 6 -19.27 15.61 -20.12
N CYS B 7 -19.77 16.19 -19.05
CA CYS B 7 -18.92 16.94 -18.12
C CYS B 7 -19.65 17.10 -16.80
N ALA B 8 -19.11 16.50 -15.73
CA ALA B 8 -19.76 16.54 -14.42
C ALA B 8 -18.72 16.90 -13.38
N GLY B 9 -18.99 17.95 -12.62
CA GLY B 9 -18.08 18.34 -11.55
C GLY B 9 -16.70 18.63 -12.10
N THR B 10 -15.69 18.02 -11.50
CA THR B 10 -14.32 18.16 -11.94
C THR B 10 -13.91 17.13 -12.98
N LEU B 11 -14.79 16.19 -13.32
CA LEU B 11 -14.51 15.16 -14.30
C LEU B 11 -15.14 15.51 -15.64
N VAL B 12 -14.49 15.08 -16.71
CA VAL B 12 -15.03 15.19 -18.06
C VAL B 12 -15.09 13.79 -18.65
N ASP B 13 -16.16 13.52 -19.39
CA ASP B 13 -16.39 12.23 -20.02
C ASP B 13 -16.57 12.48 -21.51
N CYS B 14 -15.47 12.29 -22.25
CA CYS B 14 -15.45 12.49 -23.70
C CYS B 14 -15.37 11.18 -24.46
N GLY B 15 -15.54 10.05 -23.77
CA GLY B 15 -15.32 8.77 -24.40
C GLY B 15 -16.55 8.17 -25.05
N ARG B 16 -16.30 7.19 -25.92
CA ARG B 16 -17.34 6.40 -26.57
C ARG B 16 -18.32 7.27 -27.34
N ARG B 17 -17.81 8.29 -28.03
CA ARG B 17 -18.68 9.14 -28.84
C ARG B 17 -18.05 9.53 -30.17
N GLY B 18 -17.02 8.83 -30.61
CA GLY B 18 -16.43 9.09 -31.92
C GLY B 18 -15.80 10.44 -32.10
N LEU B 19 -15.07 10.93 -31.10
CA LEU B 19 -14.29 12.15 -31.26
C LEU B 19 -13.09 11.89 -32.14
N THR B 20 -12.79 12.83 -33.03
CA THR B 20 -11.63 12.76 -33.92
C THR B 20 -10.74 13.96 -33.71
N TRP B 21 -9.68 14.04 -34.51
CA TRP B 21 -8.71 15.11 -34.38
C TRP B 21 -9.34 16.47 -34.68
N ALA B 22 -10.16 16.54 -35.73
CA ALA B 22 -10.78 17.80 -36.09
C ALA B 22 -11.91 18.17 -35.14
N SER B 23 -12.70 17.18 -34.72
CA SER B 23 -13.86 17.44 -33.87
C SER B 23 -13.50 17.58 -32.39
N LEU B 24 -12.26 17.34 -32.01
CA LEU B 24 -11.87 17.40 -30.61
C LEU B 24 -12.01 18.84 -30.10
N PRO B 25 -12.56 19.02 -28.89
CA PRO B 25 -12.64 20.38 -28.33
C PRO B 25 -11.26 21.00 -28.19
N THR B 26 -11.20 22.31 -28.41
CA THR B 26 -9.91 23.00 -28.46
C THR B 26 -9.20 22.93 -27.11
N ALA B 27 -9.94 23.10 -26.02
CA ALA B 27 -9.33 23.10 -24.70
C ALA B 27 -10.33 22.62 -23.67
N PHE B 28 -9.81 22.14 -22.55
CA PHE B 28 -10.58 21.64 -21.44
C PHE B 28 -10.46 22.59 -20.25
N PRO B 29 -11.37 22.52 -19.27
CA PRO B 29 -11.28 23.42 -18.12
C PRO B 29 -9.97 23.24 -17.37
N VAL B 30 -9.53 24.33 -16.74
CA VAL B 30 -8.22 24.35 -16.10
C VAL B 30 -8.16 23.34 -14.96
N ASP B 31 -9.26 23.16 -14.24
CA ASP B 31 -9.25 22.41 -13.00
C ASP B 31 -9.59 20.93 -13.17
N THR B 32 -9.69 20.44 -14.40
CA THR B 32 -10.12 19.05 -14.60
C THR B 32 -9.06 18.09 -14.08
N THR B 33 -9.54 16.96 -13.53
CA THR B 33 -8.65 15.94 -12.97
C THR B 33 -8.94 14.55 -13.50
N GLU B 34 -9.74 14.42 -14.56
CA GLU B 34 -9.95 13.12 -15.18
C GLU B 34 -10.52 13.33 -16.57
N LEU B 35 -9.90 12.70 -17.57
CA LEU B 35 -10.25 12.88 -18.97
C LEU B 35 -10.30 11.48 -19.61
N VAL B 36 -11.48 10.88 -19.63
CA VAL B 36 -11.65 9.58 -20.25
C VAL B 36 -11.90 9.77 -21.75
N LEU B 37 -11.05 9.16 -22.57
CA LEU B 37 -11.15 9.27 -24.02
C LEU B 37 -11.20 7.89 -24.68
N THR B 38 -11.74 6.91 -23.96
CA THR B 38 -11.82 5.56 -24.49
C THR B 38 -12.79 5.48 -25.66
N GLY B 39 -12.47 4.60 -26.61
CA GLY B 39 -13.37 4.35 -27.73
C GLY B 39 -13.60 5.53 -28.65
N ASN B 40 -12.56 6.28 -28.96
CA ASN B 40 -12.63 7.41 -29.87
C ASN B 40 -11.77 7.14 -31.10
N ASN B 41 -11.64 8.16 -31.96
CA ASN B 41 -10.82 8.08 -33.16
C ASN B 41 -9.58 8.95 -33.06
N LEU B 42 -9.07 9.17 -31.85
CA LEU B 42 -7.91 10.03 -31.67
C LEU B 42 -6.66 9.35 -32.20
N THR B 43 -6.16 9.82 -33.34
CA THR B 43 -4.90 9.30 -33.86
C THR B 43 -3.73 9.71 -32.97
N ALA B 44 -3.69 10.97 -32.56
CA ALA B 44 -2.68 11.48 -31.66
C ALA B 44 -3.19 12.79 -31.09
N LEU B 45 -3.04 12.96 -29.79
CA LEU B 45 -3.65 14.12 -29.14
C LEU B 45 -3.00 15.41 -29.63
N PRO B 46 -3.78 16.42 -29.98
CA PRO B 46 -3.20 17.70 -30.41
C PRO B 46 -2.34 18.29 -29.32
N PRO B 47 -1.24 18.93 -29.68
CA PRO B 47 -0.30 19.42 -28.66
C PRO B 47 -0.91 20.54 -27.85
N GLY B 48 -0.45 20.66 -26.61
CA GLY B 48 -0.93 21.70 -25.72
C GLY B 48 -2.24 21.39 -25.02
N LEU B 49 -2.73 20.16 -25.10
CA LEU B 49 -3.96 19.78 -24.44
C LEU B 49 -3.75 19.11 -23.09
N LEU B 50 -2.70 18.29 -22.96
CA LEU B 50 -2.41 17.63 -21.70
C LEU B 50 -1.54 18.47 -20.78
N ASP B 51 -1.00 19.59 -21.25
CA ASP B 51 -0.26 20.50 -20.39
C ASP B 51 -1.07 21.73 -19.99
N ALA B 52 -2.26 21.91 -20.55
CA ALA B 52 -3.18 22.96 -20.13
C ALA B 52 -4.09 22.52 -18.99
N LEU B 53 -3.93 21.30 -18.49
CA LEU B 53 -4.73 20.74 -17.41
C LEU B 53 -3.80 20.31 -16.30
N PRO B 54 -3.29 21.25 -15.52
CA PRO B 54 -2.29 20.91 -14.49
C PRO B 54 -2.83 19.97 -13.42
N ALA B 55 -4.14 19.87 -13.24
CA ALA B 55 -4.72 19.05 -12.19
C ALA B 55 -5.03 17.64 -12.63
N LEU B 56 -4.66 17.27 -13.86
CA LEU B 56 -5.02 15.96 -14.37
C LEU B 56 -4.25 14.87 -13.65
N ARG B 57 -4.97 13.93 -13.04
CA ARG B 57 -4.36 12.78 -12.38
C ARG B 57 -4.30 11.57 -13.29
N THR B 58 -5.44 11.10 -13.76
CA THR B 58 -5.52 9.96 -14.65
C THR B 58 -6.31 10.36 -15.90
N ALA B 59 -5.94 9.75 -17.03
CA ALA B 59 -6.60 10.00 -18.30
C ALA B 59 -6.76 8.67 -19.02
N HIS B 60 -7.98 8.14 -19.04
CA HIS B 60 -8.24 6.87 -19.70
C HIS B 60 -8.13 7.06 -21.21
N LEU B 61 -7.18 6.35 -21.83
CA LEU B 61 -6.83 6.61 -23.22
C LEU B 61 -6.78 5.34 -24.06
N GLY B 62 -7.40 4.26 -23.60
CA GLY B 62 -7.39 3.02 -24.36
C GLY B 62 -8.43 3.00 -25.45
N ALA B 63 -8.42 1.90 -26.21
CA ALA B 63 -9.39 1.63 -27.27
C ALA B 63 -9.43 2.75 -28.30
N ASN B 64 -8.27 3.25 -28.68
CA ASN B 64 -8.15 4.29 -29.69
C ASN B 64 -7.11 3.90 -30.74
N PRO B 65 -7.29 4.33 -31.98
CA PRO B 65 -6.31 4.03 -33.04
C PRO B 65 -5.15 5.01 -33.06
N TRP B 66 -4.19 4.80 -32.16
CA TRP B 66 -3.04 5.67 -32.05
C TRP B 66 -2.06 5.40 -33.19
N ARG B 67 -1.61 6.47 -33.84
CA ARG B 67 -0.58 6.40 -34.87
C ARG B 67 0.71 6.93 -34.28
N CYS B 68 1.79 6.18 -34.43
CA CYS B 68 3.01 6.38 -33.64
C CYS B 68 4.11 6.95 -34.53
N ASP B 69 4.15 8.28 -34.62
CA ASP B 69 5.18 9.01 -35.35
C ASP B 69 5.37 10.35 -34.64
N CYS B 70 5.94 11.33 -35.36
CA CYS B 70 6.19 12.66 -34.80
C CYS B 70 4.98 13.24 -34.08
N ARG B 71 3.77 12.86 -34.47
CA ARG B 71 2.57 13.46 -33.90
C ARG B 71 2.24 12.95 -32.51
N LEU B 72 2.87 11.87 -32.06
CA LEU B 72 2.52 11.24 -30.80
C LEU B 72 3.58 11.46 -29.72
N VAL B 73 4.65 12.19 -30.02
CA VAL B 73 5.68 12.43 -29.01
C VAL B 73 5.16 13.18 -27.78
N PRO B 74 4.27 14.19 -27.90
CA PRO B 74 3.82 14.84 -26.66
C PRO B 74 3.11 13.90 -25.70
N LEU B 75 2.29 12.98 -26.22
CA LEU B 75 1.59 12.05 -25.35
C LEU B 75 2.55 11.07 -24.70
N ARG B 76 3.53 10.57 -25.45
CA ARG B 76 4.53 9.67 -24.87
C ARG B 76 5.33 10.36 -23.78
N ALA B 77 5.75 11.60 -24.03
CA ALA B 77 6.49 12.35 -23.02
C ALA B 77 5.63 12.63 -21.79
N TRP B 78 4.34 12.90 -22.00
CA TRP B 78 3.43 13.06 -20.88
C TRP B 78 3.31 11.78 -20.07
N LEU B 79 3.26 10.64 -20.77
CA LEU B 79 3.15 9.36 -20.10
C LEU B 79 4.39 9.07 -19.27
N ALA B 80 5.57 9.45 -19.78
CA ALA B 80 6.81 9.18 -19.06
C ALA B 80 6.81 9.85 -17.69
N GLY B 81 6.40 11.12 -17.63
CA GLY B 81 6.41 11.85 -16.38
C GLY B 81 5.10 11.76 -15.63
N ARG B 82 4.79 10.57 -15.10
CA ARG B 82 3.56 10.36 -14.35
C ARG B 82 3.82 9.37 -13.22
N PRO B 83 3.43 9.70 -11.99
CA PRO B 83 3.70 8.80 -10.85
C PRO B 83 3.06 7.42 -11.02
N GLU B 84 1.75 7.37 -11.18
CA GLU B 84 1.07 6.10 -11.34
C GLU B 84 1.16 5.64 -12.79
N ARG B 85 1.20 4.32 -12.97
CA ARG B 85 1.31 3.72 -14.31
C ARG B 85 0.32 2.58 -14.48
N ALA B 86 -0.82 2.66 -13.80
CA ALA B 86 -1.81 1.59 -13.85
C ALA B 86 -2.61 1.58 -15.16
N PRO B 87 -3.29 2.68 -15.54
CA PRO B 87 -4.18 2.58 -16.70
C PRO B 87 -3.45 2.75 -18.02
N TYR B 88 -2.13 2.63 -18.00
CA TYR B 88 -1.27 2.88 -19.15
C TYR B 88 -0.57 1.61 -19.61
N ARG B 89 -1.23 0.47 -19.45
CA ARG B 89 -0.63 -0.81 -19.83
C ARG B 89 -1.23 -1.41 -21.09
N ASP B 90 -2.31 -0.83 -21.63
CA ASP B 90 -2.96 -1.36 -22.82
C ASP B 90 -3.07 -0.29 -23.92
N LEU B 91 -2.09 0.60 -24.00
CA LEU B 91 -2.03 1.61 -25.04
C LEU B 91 -1.16 1.07 -26.17
N ARG B 92 -1.78 0.67 -27.27
CA ARG B 92 -1.08 0.01 -28.37
C ARG B 92 -1.14 0.87 -29.63
N CYS B 93 -0.04 0.88 -30.37
CA CYS B 93 -0.02 1.54 -31.67
C CYS B 93 -0.91 0.79 -32.65
N VAL B 94 -1.42 1.52 -33.65
CA VAL B 94 -2.17 0.95 -34.75
C VAL B 94 -1.44 1.17 -36.08
N ALA B 95 -0.84 2.32 -36.27
CA ALA B 95 0.01 2.62 -37.41
C ALA B 95 1.28 3.27 -36.92
N PRO B 96 2.38 3.19 -37.68
CA PRO B 96 2.61 2.51 -38.97
C PRO B 96 2.76 1.00 -38.81
N PRO B 97 2.74 0.26 -39.92
CA PRO B 97 2.92 -1.20 -39.81
C PRO B 97 4.24 -1.61 -39.21
N ALA B 98 5.25 -0.73 -39.18
CA ALA B 98 6.51 -1.06 -38.54
C ALA B 98 6.35 -1.28 -37.05
N LEU B 99 5.52 -0.47 -36.39
CA LEU B 99 5.34 -0.53 -34.94
C LEU B 99 3.95 -1.02 -34.57
N ARG B 100 3.44 -1.99 -35.30
CA ARG B 100 2.14 -2.57 -34.98
C ARG B 100 2.16 -3.21 -33.61
N GLY B 101 1.15 -2.91 -32.80
CA GLY B 101 0.99 -3.56 -31.52
C GLY B 101 2.15 -3.36 -30.56
N ARG B 102 2.76 -2.17 -30.58
CA ARG B 102 3.84 -1.83 -29.66
C ARG B 102 3.25 -1.09 -28.47
N LEU B 103 3.61 -1.51 -27.26
CA LEU B 103 3.09 -0.88 -26.06
C LEU B 103 3.71 0.51 -25.92
N LEU B 104 2.85 1.53 -25.84
CA LEU B 104 3.32 2.91 -25.90
C LEU B 104 4.27 3.29 -24.77
N PRO B 105 3.98 3.01 -23.49
CA PRO B 105 4.86 3.50 -22.43
C PRO B 105 6.26 2.92 -22.46
N TYR B 106 6.47 1.81 -23.17
CA TYR B 106 7.77 1.16 -23.27
C TYR B 106 8.45 1.47 -24.60
N LEU B 107 8.29 2.70 -25.08
CA LEU B 107 8.85 3.14 -26.35
C LEU B 107 9.81 4.29 -26.10
N ALA B 108 11.00 4.21 -26.69
CA ALA B 108 11.86 5.37 -26.69
C ALA B 108 11.41 6.35 -27.77
N GLU B 109 11.89 7.59 -27.65
CA GLU B 109 11.46 8.62 -28.59
C GLU B 109 12.01 8.37 -29.99
N ASP B 110 13.13 7.65 -30.09
CA ASP B 110 13.74 7.42 -31.40
C ASP B 110 12.83 6.62 -32.32
N GLU B 111 12.18 5.58 -31.79
CA GLU B 111 11.28 4.80 -32.62
C GLU B 111 10.10 5.63 -33.10
N LEU B 112 9.61 6.53 -32.24
CA LEU B 112 8.55 7.45 -32.66
C LEU B 112 9.03 8.35 -33.78
N ARG B 113 10.25 8.87 -33.66
CA ARG B 113 10.78 9.74 -34.71
C ARG B 113 11.13 8.98 -35.98
N ALA B 114 11.25 7.65 -35.89
N ALA B 114 11.25 7.65 -35.89
CA ALA B 114 11.64 6.86 -37.06
CA ALA B 114 11.64 6.86 -37.06
C ALA B 114 10.59 6.92 -38.16
C ALA B 114 10.59 6.92 -38.16
N ALA B 115 9.31 6.93 -37.79
CA ALA B 115 8.22 6.90 -38.75
C ALA B 115 7.90 8.28 -39.32
N CYS B 116 8.83 9.23 -39.23
CA CYS B 116 8.54 10.62 -39.49
C CYS B 116 9.41 11.22 -40.59
N ALA B 117 10.68 10.85 -40.66
CA ALA B 117 11.60 11.43 -41.63
C ALA B 117 11.43 10.83 -43.02
N THR C 1 -0.47 -31.00 -27.09
CA THR C 1 0.68 -30.26 -27.60
C THR C 1 1.03 -29.11 -26.67
N LYS C 2 1.88 -29.38 -25.69
CA LYS C 2 2.31 -28.35 -24.75
C LYS C 2 3.16 -27.30 -25.48
N ASP C 3 3.01 -26.05 -25.06
CA ASP C 3 3.72 -24.93 -25.69
C ASP C 3 5.02 -24.58 -24.97
N CYS C 4 5.58 -25.51 -24.21
CA CYS C 4 6.80 -25.24 -23.49
C CYS C 4 7.96 -24.98 -24.45
N PRO C 5 8.76 -23.94 -24.21
CA PRO C 5 10.00 -23.79 -24.99
C PRO C 5 10.92 -24.97 -24.79
N SER C 6 11.62 -25.34 -25.85
CA SER C 6 12.42 -26.57 -25.82
C SER C 6 13.53 -26.55 -24.76
N PRO C 7 14.40 -25.52 -24.68
CA PRO C 7 15.44 -25.50 -23.64
C PRO C 7 14.95 -24.89 -22.33
N CYS C 8 13.76 -25.29 -21.89
CA CYS C 8 13.14 -24.71 -20.71
C CYS C 8 12.17 -25.73 -20.13
N THR C 9 11.72 -25.46 -18.90
CA THR C 9 10.70 -26.25 -18.25
C THR C 9 9.49 -25.36 -17.96
N CYS C 10 8.31 -25.97 -17.96
CA CYS C 10 7.07 -25.23 -17.73
C CYS C 10 6.21 -25.95 -16.71
N ARG C 11 5.66 -25.20 -15.77
CA ARG C 11 4.71 -25.72 -14.79
C ARG C 11 3.42 -24.93 -14.90
N ALA C 12 2.30 -25.62 -15.07
CA ALA C 12 1.01 -24.97 -15.22
C ALA C 12 0.26 -25.05 -13.89
N LEU C 13 0.11 -23.91 -13.24
CA LEU C 13 -0.65 -23.83 -12.00
C LEU C 13 -2.12 -23.60 -12.31
N GLU C 14 -2.99 -24.16 -11.46
CA GLU C 14 -4.41 -24.14 -11.75
C GLU C 14 -4.97 -22.72 -11.76
N THR C 15 -4.54 -21.88 -10.82
CA THR C 15 -5.03 -20.50 -10.75
C THR C 15 -3.90 -19.51 -10.54
N MET C 16 -2.73 -19.79 -11.11
CA MET C 16 -1.63 -18.84 -11.09
C MET C 16 -0.89 -18.75 -12.42
N GLY C 17 -1.31 -19.46 -13.46
CA GLY C 17 -0.74 -19.29 -14.78
C GLY C 17 0.35 -20.27 -15.15
N LEU C 18 1.36 -19.79 -15.85
CA LEU C 18 2.47 -20.61 -16.31
C LEU C 18 3.77 -20.11 -15.69
N TRP C 19 4.49 -21.02 -15.04
CA TRP C 19 5.78 -20.73 -14.44
C TRP C 19 6.83 -21.41 -15.32
N VAL C 20 7.59 -20.61 -16.07
CA VAL C 20 8.56 -21.13 -17.03
C VAL C 20 9.96 -20.92 -16.45
N ASP C 21 10.62 -22.03 -16.13
CA ASP C 21 11.97 -22.02 -15.61
C ASP C 21 12.94 -22.20 -16.77
N CYS C 22 13.73 -21.16 -17.04
CA CYS C 22 14.76 -21.20 -18.08
C CYS C 22 16.12 -20.89 -17.51
N ARG C 23 16.31 -21.09 -16.21
CA ARG C 23 17.53 -20.66 -15.56
C ARG C 23 18.68 -21.61 -15.84
N GLY C 24 19.83 -21.05 -16.19
CA GLY C 24 21.05 -21.82 -16.30
C GLY C 24 21.25 -22.58 -17.59
N HIS C 25 20.38 -22.41 -18.57
CA HIS C 25 20.53 -23.11 -19.84
C HIS C 25 21.62 -22.51 -20.73
N GLY C 26 22.23 -21.41 -20.31
CA GLY C 26 23.26 -20.78 -21.13
C GLY C 26 22.75 -20.21 -22.42
N LEU C 27 21.58 -19.57 -22.39
CA LEU C 27 20.97 -19.03 -23.60
C LEU C 27 21.61 -17.70 -24.00
N THR C 28 21.39 -17.33 -25.25
CA THR C 28 21.79 -16.03 -25.76
C THR C 28 20.66 -15.25 -26.41
N ALA C 29 19.54 -15.91 -26.74
CA ALA C 29 18.36 -15.25 -27.25
C ALA C 29 17.15 -15.76 -26.50
N LEU C 30 16.14 -14.90 -26.38
CA LEU C 30 14.94 -15.28 -25.64
C LEU C 30 14.20 -16.39 -26.36
N PRO C 31 13.78 -17.45 -25.66
CA PRO C 31 12.99 -18.48 -26.30
C PRO C 31 11.61 -17.97 -26.68
N ALA C 32 10.97 -18.68 -27.59
CA ALA C 32 9.64 -18.29 -28.05
C ALA C 32 8.62 -18.58 -26.96
N LEU C 33 8.40 -17.61 -26.09
CA LEU C 33 7.53 -17.81 -24.94
C LEU C 33 6.08 -18.00 -25.39
N PRO C 34 5.31 -18.83 -24.70
CA PRO C 34 3.91 -19.02 -25.07
C PRO C 34 3.10 -17.76 -24.84
N ALA C 35 1.96 -17.68 -25.53
CA ALA C 35 1.15 -16.47 -25.54
C ALA C 35 0.44 -16.18 -24.22
N ARG C 36 0.45 -17.11 -23.27
CA ARG C 36 -0.31 -16.96 -22.04
C ARG C 36 0.57 -17.01 -20.81
N THR C 37 1.86 -16.73 -20.98
CA THR C 37 2.81 -16.80 -19.88
C THR C 37 2.48 -15.78 -18.80
N ARG C 38 2.48 -16.23 -17.55
CA ARG C 38 2.26 -15.38 -16.38
C ARG C 38 3.54 -15.11 -15.62
N HIS C 39 4.24 -16.15 -15.18
CA HIS C 39 5.48 -16.02 -14.45
C HIS C 39 6.64 -16.55 -15.30
N LEU C 40 7.73 -15.80 -15.35
CA LEU C 40 8.87 -16.18 -16.16
C LEU C 40 10.15 -15.86 -15.41
N LEU C 41 11.05 -16.85 -15.33
CA LEU C 41 12.32 -16.71 -14.64
C LEU C 41 13.43 -16.91 -15.65
N LEU C 42 14.34 -15.94 -15.74
CA LEU C 42 15.44 -15.98 -16.70
C LEU C 42 16.77 -15.66 -16.04
N ALA C 43 17.02 -16.22 -14.86
CA ALA C 43 18.31 -16.03 -14.21
C ALA C 43 19.32 -17.03 -14.74
N ASN C 44 20.56 -16.92 -14.25
CA ASN C 44 21.61 -17.90 -14.49
C ASN C 44 21.94 -18.08 -15.97
N ASN C 45 21.52 -17.14 -16.82
CA ASN C 45 21.68 -17.26 -18.25
C ASN C 45 22.83 -16.36 -18.72
N SER C 46 23.06 -16.37 -20.03
CA SER C 46 24.09 -15.55 -20.66
C SER C 46 23.48 -14.62 -21.70
N LEU C 47 22.32 -14.06 -21.39
CA LEU C 47 21.63 -13.19 -22.32
C LEU C 47 22.40 -11.89 -22.51
N GLN C 48 22.34 -11.34 -23.72
CA GLN C 48 23.03 -10.11 -24.06
C GLN C 48 22.10 -8.91 -24.16
N SER C 49 20.94 -9.08 -24.81
CA SER C 49 19.98 -7.99 -24.93
C SER C 49 18.64 -8.57 -25.36
N VAL C 50 17.57 -8.13 -24.71
CA VAL C 50 16.22 -8.54 -25.08
C VAL C 50 15.74 -7.68 -26.25
N PRO C 51 15.32 -8.28 -27.36
CA PRO C 51 14.84 -7.47 -28.48
C PRO C 51 13.54 -6.76 -28.10
N PRO C 52 13.32 -5.55 -28.63
CA PRO C 52 12.13 -4.79 -28.25
C PRO C 52 10.85 -5.49 -28.66
N GLY C 53 9.82 -5.31 -27.84
CA GLY C 53 8.53 -5.93 -28.09
C GLY C 53 8.44 -7.39 -27.75
N ALA C 54 9.41 -7.94 -27.03
CA ALA C 54 9.36 -9.36 -26.67
C ALA C 54 8.17 -9.67 -25.77
N PHE C 55 7.91 -8.81 -24.79
CA PHE C 55 6.85 -9.02 -23.82
C PHE C 55 5.54 -8.35 -24.22
N ASP C 56 5.48 -7.77 -25.41
CA ASP C 56 4.31 -6.99 -25.81
C ASP C 56 3.10 -7.84 -26.13
N HIS C 57 3.29 -9.13 -26.42
CA HIS C 57 2.18 -10.01 -26.75
C HIS C 57 1.83 -10.96 -25.60
N LEU C 58 2.26 -10.63 -24.38
CA LEU C 58 2.04 -11.45 -23.19
C LEU C 58 1.29 -10.61 -22.17
N PRO C 59 -0.04 -10.55 -22.26
CA PRO C 59 -0.80 -9.66 -21.36
C PRO C 59 -0.67 -10.01 -19.89
N GLN C 60 -0.54 -11.28 -19.54
CA GLN C 60 -0.67 -11.72 -18.16
C GLN C 60 0.65 -11.78 -17.41
N LEU C 61 1.72 -11.22 -17.96
CA LEU C 61 3.02 -11.29 -17.29
C LEU C 61 3.00 -10.49 -16.00
N GLN C 62 3.50 -11.09 -14.93
CA GLN C 62 3.53 -10.42 -13.63
C GLN C 62 4.87 -10.53 -12.91
N THR C 63 5.71 -11.51 -13.22
CA THR C 63 7.03 -11.63 -12.62
C THR C 63 8.06 -11.91 -13.70
N LEU C 64 9.27 -11.43 -13.48
CA LEU C 64 10.35 -11.58 -14.46
C LEU C 64 11.68 -11.45 -13.73
N ASP C 65 12.44 -12.54 -13.68
CA ASP C 65 13.76 -12.53 -13.06
C ASP C 65 14.79 -12.20 -14.13
N VAL C 66 15.54 -11.13 -13.91
CA VAL C 66 16.53 -10.65 -14.86
C VAL C 66 17.96 -10.74 -14.34
N THR C 67 18.16 -11.14 -13.09
CA THR C 67 19.49 -11.17 -12.51
C THR C 67 20.31 -12.30 -13.11
N GLN C 68 21.62 -12.26 -12.84
CA GLN C 68 22.58 -13.22 -13.34
C GLN C 68 22.57 -13.26 -14.87
N ASN C 69 22.79 -12.09 -15.47
CA ASN C 69 22.83 -11.93 -16.90
C ASN C 69 23.81 -10.81 -17.24
N PRO C 70 24.73 -11.01 -18.17
CA PRO C 70 25.65 -9.94 -18.59
C PRO C 70 25.09 -9.06 -19.71
N TRP C 71 24.18 -8.16 -19.33
CA TRP C 71 23.60 -7.24 -20.28
C TRP C 71 24.65 -6.28 -20.84
N HIS C 72 24.52 -5.95 -22.11
CA HIS C 72 25.32 -4.90 -22.73
C HIS C 72 24.44 -3.66 -22.81
N CYS C 73 24.46 -2.87 -21.74
CA CYS C 73 23.52 -1.77 -21.59
C CYS C 73 23.84 -0.66 -22.58
N ASP C 74 22.93 -0.46 -23.53
CA ASP C 74 23.02 0.56 -24.55
C ASP C 74 21.59 0.98 -24.90
N CYS C 75 21.40 1.60 -26.06
CA CYS C 75 20.08 2.10 -26.44
C CYS C 75 19.06 0.98 -26.50
N SER C 76 19.42 -0.15 -27.12
CA SER C 76 18.47 -1.24 -27.32
C SER C 76 17.95 -1.81 -26.01
N LEU C 77 18.68 -1.62 -24.91
CA LEU C 77 18.23 -2.13 -23.62
C LEU C 77 17.20 -1.24 -22.95
N THR C 78 17.02 0.00 -23.42
CA THR C 78 16.10 0.92 -22.75
C THR C 78 14.74 0.29 -22.53
N TYR C 79 14.24 -0.43 -23.53
CA TYR C 79 12.94 -1.08 -23.41
C TYR C 79 12.86 -1.93 -22.15
N LEU C 80 13.84 -2.82 -21.97
CA LEU C 80 13.85 -3.66 -20.77
C LEU C 80 13.80 -2.79 -19.52
N ARG C 81 14.63 -1.75 -19.48
CA ARG C 81 14.64 -0.87 -18.33
C ARG C 81 13.25 -0.32 -18.06
N LEU C 82 12.58 0.16 -19.12
CA LEU C 82 11.26 0.73 -18.93
C LEU C 82 10.30 -0.31 -18.37
N TRP C 83 10.38 -1.55 -18.87
CA TRP C 83 9.52 -2.59 -18.31
C TRP C 83 9.78 -2.76 -16.83
N LEU C 84 11.05 -2.78 -16.43
CA LEU C 84 11.37 -2.95 -15.03
C LEU C 84 11.04 -1.73 -14.21
N GLU C 85 10.70 -0.61 -14.84
CA GLU C 85 10.21 0.56 -14.11
C GLU C 85 8.70 0.56 -13.98
N ASP C 86 8.01 -0.40 -14.59
CA ASP C 86 6.56 -0.41 -14.59
C ASP C 86 5.95 -1.62 -13.92
N ARG C 87 6.69 -2.72 -13.76
CA ARG C 87 6.16 -3.90 -13.10
C ARG C 87 6.91 -4.24 -11.82
N THR C 88 8.24 -4.33 -11.87
CA THR C 88 9.07 -4.67 -10.72
C THR C 88 10.14 -3.61 -10.55
N PRO C 89 9.79 -2.46 -9.98
CA PRO C 89 10.79 -1.39 -9.81
C PRO C 89 11.98 -1.79 -8.96
N GLU C 90 11.76 -2.60 -7.92
CA GLU C 90 12.85 -2.96 -7.02
C GLU C 90 13.96 -3.69 -7.76
N ALA C 91 13.63 -4.42 -8.81
CA ALA C 91 14.63 -5.15 -9.57
C ALA C 91 15.68 -4.24 -10.17
N LEU C 92 15.40 -2.93 -10.27
CA LEU C 92 16.41 -2.00 -10.75
C LEU C 92 17.66 -2.03 -9.89
N LEU C 93 17.54 -2.39 -8.62
CA LEU C 93 18.68 -2.34 -7.71
C LEU C 93 19.49 -3.63 -7.68
N GLN C 94 19.17 -4.60 -8.53
CA GLN C 94 19.91 -5.86 -8.52
C GLN C 94 20.19 -6.39 -9.91
N VAL C 95 20.13 -5.55 -10.95
CA VAL C 95 20.49 -5.93 -12.31
C VAL C 95 21.62 -5.02 -12.79
N ARG C 96 22.67 -5.62 -13.33
CA ARG C 96 23.85 -4.90 -13.77
C ARG C 96 24.11 -5.19 -15.24
N CYS C 97 24.64 -4.20 -15.96
CA CYS C 97 25.07 -4.39 -17.33
C CYS C 97 26.57 -4.60 -17.36
N ALA C 98 26.99 -5.71 -17.97
CA ALA C 98 28.40 -6.10 -17.91
C ALA C 98 29.27 -5.24 -18.81
N SER C 99 28.78 -4.91 -20.00
CA SER C 99 29.57 -4.14 -20.95
C SER C 99 28.78 -2.91 -21.40
N PRO C 100 29.47 -1.79 -21.69
CA PRO C 100 30.92 -1.59 -21.64
C PRO C 100 31.46 -1.45 -20.23
N SER C 101 32.80 -1.46 -20.10
CA SER C 101 33.42 -1.29 -18.79
C SER C 101 33.09 0.05 -18.18
N LEU C 102 32.76 1.04 -19.01
CA LEU C 102 32.39 2.35 -18.49
C LEU C 102 31.12 2.27 -17.64
N ALA C 103 30.16 1.44 -18.06
CA ALA C 103 28.85 1.40 -17.44
C ALA C 103 28.65 0.25 -16.47
N ALA C 104 29.68 -0.57 -16.24
CA ALA C 104 29.56 -1.70 -15.32
C ALA C 104 30.08 -1.30 -13.94
N HIS C 105 29.34 -0.40 -13.30
CA HIS C 105 29.75 0.13 -12.01
C HIS C 105 28.58 0.24 -11.03
N GLY C 106 27.61 -0.66 -11.13
CA GLY C 106 26.49 -0.65 -10.22
C GLY C 106 25.20 -1.11 -10.88
N PRO C 107 24.13 -1.17 -10.09
CA PRO C 107 22.84 -1.61 -10.63
C PRO C 107 22.34 -0.67 -11.72
N LEU C 108 21.32 -1.15 -12.44
CA LEU C 108 20.76 -0.38 -13.54
C LEU C 108 20.07 0.88 -13.05
N GLY C 109 19.39 0.81 -11.89
CA GLY C 109 18.66 1.95 -11.41
C GLY C 109 19.55 3.14 -11.09
N ARG C 110 20.68 2.89 -10.43
CA ARG C 110 21.60 3.97 -10.05
C ARG C 110 22.65 4.19 -11.14
N LEU C 111 22.16 4.54 -12.32
CA LEU C 111 23.01 4.82 -13.48
C LEU C 111 22.63 6.19 -14.02
N THR C 112 23.63 7.02 -14.30
CA THR C 112 23.36 8.31 -14.90
C THR C 112 22.96 8.15 -16.36
N GLY C 113 22.47 9.25 -16.94
CA GLY C 113 22.03 9.19 -18.33
C GLY C 113 23.17 8.90 -19.29
N TYR C 114 24.36 9.42 -19.00
CA TYR C 114 25.49 9.26 -19.92
C TYR C 114 25.93 7.80 -20.00
N GLN C 115 26.14 7.16 -18.84
CA GLN C 115 26.63 5.79 -18.85
C GLN C 115 25.57 4.80 -19.31
N LEU C 116 24.32 5.22 -19.42
CA LEU C 116 23.24 4.33 -19.84
C LEU C 116 23.07 4.36 -21.36
N GLY C 117 24.13 4.67 -22.11
CA GLY C 117 23.98 4.83 -23.53
C GLY C 117 23.17 6.07 -23.84
N SER C 118 23.77 7.24 -23.64
CA SER C 118 23.02 8.49 -23.59
C SER C 118 22.50 8.81 -24.98
N CYS C 119 21.42 8.14 -25.34
CA CYS C 119 20.71 8.40 -26.58
C CYS C 119 19.30 8.87 -26.25
N GLY C 120 19.04 10.14 -26.48
CA GLY C 120 17.70 10.69 -26.45
C GLY C 120 17.22 10.80 -27.88
N TRP C 121 17.36 11.99 -28.45
CA TRP C 121 17.13 12.19 -29.87
C TRP C 121 18.49 12.13 -30.58
N GLN C 122 18.59 11.27 -31.59
CA GLN C 122 19.82 11.14 -32.37
C GLN C 122 19.78 12.17 -33.50
N LEU C 123 20.28 13.37 -33.20
CA LEU C 123 20.29 14.43 -34.20
C LEU C 123 21.42 14.19 -35.20
N GLN C 124 21.08 14.21 -36.49
CA GLN C 124 22.08 14.03 -37.52
C GLN C 124 21.79 14.98 -38.67
N ALA C 125 22.85 15.33 -39.40
CA ALA C 125 22.74 16.25 -40.53
C ALA C 125 23.83 15.99 -41.55
N CYS D 1 13.32 13.46 32.49
CA CYS D 1 13.71 12.09 32.20
C CYS D 1 14.48 11.49 33.38
N PRO D 2 14.28 10.19 33.62
CA PRO D 2 14.96 9.54 34.75
C PRO D 2 16.45 9.37 34.49
N ALA D 3 17.17 9.08 35.56
CA ALA D 3 18.61 8.84 35.44
C ALA D 3 18.97 7.70 34.48
N PRO D 4 18.30 6.55 34.48
CA PRO D 4 18.65 5.51 33.50
C PRO D 4 18.45 5.95 32.06
N CYS D 5 17.56 6.89 31.80
CA CYS D 5 17.27 7.36 30.46
C CYS D 5 18.01 8.67 30.17
N SER D 6 18.01 9.05 28.90
CA SER D 6 18.58 10.31 28.45
C SER D 6 17.57 11.00 27.56
N CYS D 7 17.21 12.24 27.92
CA CYS D 7 16.18 12.99 27.21
C CYS D 7 16.85 14.05 26.35
N ALA D 8 16.94 13.80 25.05
CA ALA D 8 17.51 14.73 24.09
C ALA D 8 16.37 15.37 23.33
N GLY D 9 16.10 16.65 23.61
CA GLY D 9 14.98 17.32 22.97
C GLY D 9 13.68 16.65 23.36
N THR D 10 12.90 16.26 22.35
CA THR D 10 11.67 15.53 22.55
C THR D 10 11.84 14.02 22.42
N LEU D 11 13.07 13.55 22.23
CA LEU D 11 13.35 12.12 22.14
C LEU D 11 13.91 11.62 23.46
N VAL D 12 13.56 10.38 23.80
CA VAL D 12 14.04 9.75 25.02
C VAL D 12 14.69 8.42 24.67
N ASP D 13 15.87 8.18 25.24
CA ASP D 13 16.62 6.94 25.04
C ASP D 13 16.67 6.20 26.37
N CYS D 14 16.16 4.97 26.38
CA CYS D 14 16.18 4.14 27.57
C CYS D 14 16.68 2.73 27.26
N GLY D 15 17.46 2.58 26.19
CA GLY D 15 17.87 1.29 25.70
C GLY D 15 19.38 1.10 25.73
N ARG D 16 19.78 -0.15 25.48
CA ARG D 16 21.19 -0.55 25.37
C ARG D 16 21.91 -0.50 26.72
N ARG D 17 21.22 -0.05 27.76
CA ARG D 17 21.77 -0.10 29.12
C ARG D 17 21.09 -1.16 29.98
N GLY D 18 20.62 -2.24 29.36
CA GLY D 18 20.24 -3.45 30.08
C GLY D 18 19.19 -3.24 31.14
N LEU D 19 18.18 -2.42 30.87
CA LEU D 19 17.13 -2.18 31.85
C LEU D 19 16.28 -3.42 32.04
N THR D 20 15.99 -3.74 33.29
CA THR D 20 15.10 -4.83 33.64
C THR D 20 13.76 -4.24 34.09
N TRP D 21 12.83 -5.12 34.43
CA TRP D 21 11.52 -4.66 34.88
C TRP D 21 11.64 -3.88 36.18
N ALA D 22 12.43 -4.39 37.13
CA ALA D 22 12.56 -3.74 38.43
C ALA D 22 13.13 -2.34 38.30
N SER D 23 14.16 -2.17 37.46
CA SER D 23 14.83 -0.89 37.32
C SER D 23 14.23 -0.01 36.22
N LEU D 24 13.16 -0.47 35.57
CA LEU D 24 12.50 0.35 34.58
C LEU D 24 11.86 1.56 35.25
N PRO D 25 11.97 2.74 34.65
CA PRO D 25 11.33 3.93 35.24
C PRO D 25 9.82 3.75 35.34
N THR D 26 9.26 4.28 36.42
CA THR D 26 7.83 4.10 36.68
C THR D 26 6.98 4.87 35.68
N ALA D 27 7.41 6.07 35.29
CA ALA D 27 6.63 6.91 34.41
C ALA D 27 7.56 7.70 33.49
N PHE D 28 7.00 8.15 32.37
CA PHE D 28 7.72 8.87 31.34
C PHE D 28 7.13 10.26 31.16
N PRO D 29 7.90 11.22 30.63
CA PRO D 29 7.37 12.57 30.44
C PRO D 29 6.23 12.60 29.43
N VAL D 30 5.39 13.63 29.54
CA VAL D 30 4.20 13.72 28.72
C VAL D 30 4.57 14.02 27.26
N ASP D 31 5.56 14.89 27.04
CA ASP D 31 5.80 15.45 25.71
C ASP D 31 6.68 14.57 24.82
N THR D 32 7.12 13.41 25.28
CA THR D 32 8.04 12.60 24.49
C THR D 32 7.35 12.09 23.22
N THR D 33 8.10 12.11 22.13
CA THR D 33 7.60 11.66 20.82
C THR D 33 8.14 10.30 20.43
N GLU D 34 9.45 10.11 20.49
CA GLU D 34 10.08 8.85 20.12
C GLU D 34 10.81 8.28 21.31
N LEU D 35 10.62 6.98 21.55
CA LEU D 35 11.25 6.27 22.66
C LEU D 35 11.86 4.99 22.12
N VAL D 36 13.17 4.84 22.28
CA VAL D 36 13.90 3.65 21.85
C VAL D 36 14.27 2.86 23.09
N LEU D 37 13.81 1.61 23.14
CA LEU D 37 14.05 0.72 24.28
C LEU D 37 14.74 -0.56 23.82
N THR D 38 15.74 -0.41 22.96
CA THR D 38 16.41 -1.56 22.36
C THR D 38 17.58 -2.03 23.23
N GLY D 39 17.83 -3.33 23.19
CA GLY D 39 18.98 -3.91 23.87
C GLY D 39 18.95 -3.87 25.37
N ASN D 40 17.81 -4.18 25.98
CA ASN D 40 17.71 -4.36 27.42
C ASN D 40 17.27 -5.80 27.69
N ASN D 41 17.00 -6.10 28.96
CA ASN D 41 16.49 -7.40 29.37
C ASN D 41 14.99 -7.35 29.68
N LEU D 42 14.22 -6.55 28.94
CA LEU D 42 12.82 -6.35 29.25
C LEU D 42 12.02 -7.60 28.92
N THR D 43 11.54 -8.29 29.95
CA THR D 43 10.74 -9.49 29.72
C THR D 43 9.35 -9.13 29.21
N ALA D 44 8.72 -8.13 29.82
CA ALA D 44 7.40 -7.68 29.40
C ALA D 44 7.21 -6.25 29.90
N LEU D 45 6.23 -5.60 29.36
CA LEU D 45 6.14 -4.23 29.84
C LEU D 45 5.05 -4.10 30.89
N PRO D 46 5.25 -3.22 31.88
CA PRO D 46 4.23 -3.02 32.89
C PRO D 46 2.98 -2.44 32.26
N PRO D 47 1.80 -2.78 32.78
CA PRO D 47 0.57 -2.25 32.18
C PRO D 47 0.49 -0.74 32.32
N GLY D 48 -0.04 -0.11 31.27
CA GLY D 48 -0.25 1.32 31.31
C GLY D 48 1.00 2.17 31.25
N LEU D 49 2.09 1.64 30.71
CA LEU D 49 3.31 2.43 30.62
C LEU D 49 3.40 3.20 29.31
N LEU D 50 3.11 2.55 28.19
CA LEU D 50 3.17 3.18 26.89
C LEU D 50 1.82 3.76 26.45
N ASP D 51 0.76 3.55 27.21
CA ASP D 51 -0.55 4.07 26.88
C ASP D 51 -0.80 5.47 27.44
N ALA D 52 0.11 5.97 28.28
CA ALA D 52 -0.06 7.27 28.93
C ALA D 52 0.77 8.36 28.28
N LEU D 53 1.35 8.10 27.11
CA LEU D 53 2.20 9.07 26.44
C LEU D 53 1.44 9.69 25.27
N PRO D 54 1.00 10.94 25.37
CA PRO D 54 0.14 11.50 24.32
C PRO D 54 0.84 11.73 22.98
N ALA D 55 2.15 11.99 22.99
CA ALA D 55 2.85 12.38 21.77
C ALA D 55 3.68 11.25 21.19
N LEU D 56 3.51 10.01 21.65
CA LEU D 56 4.33 8.91 21.17
C LEU D 56 4.03 8.61 19.71
N ARG D 57 5.01 8.81 18.85
CA ARG D 57 4.86 8.51 17.44
C ARG D 57 5.34 7.10 17.12
N THR D 58 6.63 6.84 17.34
CA THR D 58 7.22 5.53 17.12
C THR D 58 7.98 5.11 18.37
N ALA D 59 7.83 3.84 18.75
CA ALA D 59 8.58 3.27 19.86
C ALA D 59 9.34 2.07 19.35
N HIS D 60 10.64 2.02 19.65
CA HIS D 60 11.50 0.92 19.22
C HIS D 60 11.64 -0.07 20.37
N LEU D 61 11.26 -1.32 20.12
CA LEU D 61 11.25 -2.34 21.15
C LEU D 61 12.03 -3.59 20.74
N GLY D 62 12.85 -3.48 19.70
CA GLY D 62 13.57 -4.64 19.21
C GLY D 62 14.77 -4.98 20.07
N ALA D 63 15.39 -6.12 19.73
CA ALA D 63 16.60 -6.59 20.40
C ALA D 63 16.41 -6.72 21.90
N ASN D 64 15.28 -7.30 22.30
CA ASN D 64 15.00 -7.56 23.71
C ASN D 64 14.45 -8.98 23.87
N PRO D 65 14.68 -9.60 25.03
CA PRO D 65 14.15 -10.96 25.26
C PRO D 65 12.70 -10.94 25.71
N TRP D 66 11.81 -10.52 24.80
CA TRP D 66 10.40 -10.45 25.11
C TRP D 66 9.85 -11.84 25.42
N ARG D 67 9.18 -11.96 26.55
CA ARG D 67 8.56 -13.22 26.95
C ARG D 67 7.05 -13.06 26.77
N CYS D 68 6.53 -13.68 25.72
CA CYS D 68 5.10 -13.59 25.42
C CYS D 68 4.32 -14.58 26.25
N ASP D 69 3.61 -14.06 27.24
CA ASP D 69 2.76 -14.82 28.15
C ASP D 69 1.62 -13.92 28.58
N CYS D 70 1.00 -14.24 29.72
CA CYS D 70 -0.10 -13.43 30.24
C CYS D 70 0.34 -11.99 30.46
N ARG D 71 1.51 -11.81 31.08
CA ARG D 71 2.00 -10.48 31.43
C ARG D 71 2.38 -9.65 30.22
N LEU D 72 2.48 -10.25 29.04
CA LEU D 72 2.73 -9.51 27.81
C LEU D 72 1.45 -9.13 27.08
N VAL D 73 0.29 -9.57 27.56
CA VAL D 73 -0.98 -9.16 26.96
C VAL D 73 -1.12 -7.64 26.98
N PRO D 74 -0.74 -6.93 28.04
CA PRO D 74 -0.83 -5.45 27.99
C PRO D 74 -0.13 -4.81 26.81
N LEU D 75 1.16 -5.09 26.61
CA LEU D 75 1.90 -4.42 25.54
C LEU D 75 1.30 -4.71 24.18
N ARG D 76 0.99 -5.98 23.91
CA ARG D 76 0.33 -6.32 22.66
C ARG D 76 -1.02 -5.63 22.54
N ALA D 77 -1.72 -5.45 23.67
CA ALA D 77 -2.99 -4.74 23.65
C ALA D 77 -2.81 -3.31 23.17
N TRP D 78 -1.63 -2.73 23.39
CA TRP D 78 -1.33 -1.38 22.93
C TRP D 78 -0.84 -1.36 21.49
N LEU D 79 -0.44 -2.52 20.94
CA LEU D 79 0.11 -2.56 19.60
C LEU D 79 -0.95 -2.43 18.52
N ALA D 80 -2.15 -2.94 18.76
CA ALA D 80 -3.18 -2.94 17.73
C ALA D 80 -3.61 -1.53 17.36
N GLY D 81 -3.77 -0.67 18.36
CA GLY D 81 -4.22 0.69 18.10
C GLY D 81 -3.10 1.65 17.79
N ARG D 82 -2.38 1.39 16.69
CA ARG D 82 -1.29 2.26 16.27
C ARG D 82 -1.39 2.48 14.77
N PRO D 83 -1.35 3.73 14.30
CA PRO D 83 -1.46 3.97 12.86
C PRO D 83 -0.26 3.46 12.09
N GLU D 84 0.93 3.81 12.55
CA GLU D 84 2.16 3.35 11.91
C GLU D 84 2.51 1.96 12.39
N ARG D 85 3.03 1.14 11.47
CA ARG D 85 3.36 -0.25 11.76
C ARG D 85 4.75 -0.64 11.31
N ALA D 86 5.52 0.28 10.74
CA ALA D 86 6.87 -0.05 10.27
C ALA D 86 7.81 -0.47 11.40
N PRO D 87 7.94 0.25 12.52
CA PRO D 87 8.98 -0.11 13.48
C PRO D 87 8.57 -1.24 14.42
N TYR D 88 7.50 -1.96 14.08
CA TYR D 88 7.08 -3.13 14.84
C TYR D 88 6.98 -4.36 13.95
N ARG D 89 7.63 -4.35 12.79
CA ARG D 89 7.51 -5.45 11.85
C ARG D 89 8.29 -6.69 12.29
N ASP D 90 9.34 -6.52 13.08
CA ASP D 90 10.26 -7.61 13.41
C ASP D 90 10.50 -7.69 14.91
N LEU D 91 9.44 -7.66 15.69
CA LEU D 91 9.51 -7.92 17.13
C LEU D 91 9.34 -9.41 17.38
N ARG D 92 10.30 -10.01 18.09
CA ARG D 92 10.36 -11.45 18.24
C ARG D 92 10.08 -11.87 19.68
N CYS D 93 9.84 -13.16 19.85
CA CYS D 93 9.64 -13.78 21.16
C CYS D 93 10.82 -14.69 21.48
N VAL D 94 11.09 -14.86 22.77
CA VAL D 94 12.18 -15.72 23.23
C VAL D 94 11.73 -16.78 24.22
N ALA D 95 10.52 -16.70 24.73
CA ALA D 95 9.98 -17.69 25.66
C ALA D 95 8.48 -17.53 25.71
N PRO D 96 7.72 -18.62 25.93
CA PRO D 96 8.13 -20.00 26.20
C PRO D 96 8.59 -20.72 24.94
N PRO D 97 9.21 -21.89 25.08
CA PRO D 97 9.69 -22.62 23.91
C PRO D 97 8.61 -22.97 22.91
N ALA D 98 7.36 -23.08 23.34
CA ALA D 98 6.28 -23.37 22.40
C ALA D 98 6.05 -22.24 21.40
N LEU D 99 6.44 -21.01 21.74
CA LEU D 99 6.20 -19.85 20.89
C LEU D 99 7.50 -19.12 20.59
N ARG D 100 8.55 -19.88 20.29
CA ARG D 100 9.83 -19.29 19.93
C ARG D 100 9.73 -18.60 18.56
N GLY D 101 10.33 -17.43 18.47
CA GLY D 101 10.42 -16.73 17.19
C GLY D 101 9.09 -16.37 16.57
N ARG D 102 8.10 -16.04 17.40
CA ARG D 102 6.78 -15.63 16.92
C ARG D 102 6.74 -14.11 16.84
N LEU D 103 6.32 -13.60 15.70
CA LEU D 103 6.28 -12.15 15.49
C LEU D 103 5.23 -11.55 16.41
N LEU D 104 5.63 -10.54 17.19
CA LEU D 104 4.79 -10.06 18.27
C LEU D 104 3.43 -9.52 17.82
N PRO D 105 3.34 -8.67 16.78
CA PRO D 105 2.03 -8.10 16.45
C PRO D 105 1.07 -9.09 15.79
N TYR D 106 1.44 -10.36 15.72
CA TYR D 106 0.56 -11.37 15.15
C TYR D 106 0.22 -12.44 16.19
N LEU D 107 -0.11 -12.01 17.39
CA LEU D 107 -0.40 -12.91 18.51
C LEU D 107 -1.89 -12.83 18.85
N ALA D 108 -2.48 -13.97 19.13
CA ALA D 108 -3.87 -14.07 19.54
C ALA D 108 -3.98 -14.13 21.06
N GLU D 109 -5.20 -13.95 21.56
CA GLU D 109 -5.42 -14.00 23.01
C GLU D 109 -5.21 -15.40 23.56
N ASP D 110 -5.82 -16.40 22.92
CA ASP D 110 -5.74 -17.77 23.45
C ASP D 110 -4.31 -18.26 23.50
N GLU D 111 -3.50 -17.91 22.49
CA GLU D 111 -2.10 -18.32 22.49
C GLU D 111 -1.35 -17.72 23.67
N LEU D 112 -1.63 -16.45 23.98
CA LEU D 112 -0.96 -15.79 25.09
C LEU D 112 -1.47 -16.30 26.43
N ARG D 113 -2.73 -16.73 26.50
CA ARG D 113 -3.32 -17.19 27.75
C ARG D 113 -3.02 -18.66 28.04
N ALA D 114 -2.66 -19.44 27.01
CA ALA D 114 -2.34 -20.84 27.25
C ALA D 114 -1.16 -20.99 28.21
N ALA D 115 -0.09 -20.23 27.97
CA ALA D 115 1.00 -20.19 28.92
C ALA D 115 0.66 -19.41 30.18
N CYS D 116 -0.31 -18.50 30.09
CA CYS D 116 -0.74 -17.76 31.28
C CYS D 116 -1.34 -18.69 32.31
N ALA D 117 -2.17 -19.62 31.88
CA ALA D 117 -2.77 -20.61 32.77
C ALA D 117 -1.82 -21.79 32.95
N PRO D 118 -1.50 -22.17 34.19
CA PRO D 118 -0.63 -23.34 34.40
C PRO D 118 -1.21 -24.65 33.89
N GLY D 119 -2.41 -24.63 33.32
CA GLY D 119 -3.09 -25.83 32.91
C GLY D 119 -4.58 -25.97 33.24
N PRO D 120 -5.22 -24.97 33.91
CA PRO D 120 -6.69 -25.08 33.96
C PRO D 120 -7.32 -24.41 32.74
N LEU D 121 -7.31 -25.13 31.62
CA LEU D 121 -7.83 -24.61 30.38
C LEU D 121 -9.32 -24.33 30.49
N CYS D 122 -9.79 -23.38 29.68
CA CYS D 122 -11.22 -23.11 29.54
C CYS D 122 -11.84 -22.73 30.90
N TRP D 123 -11.13 -21.89 31.64
CA TRP D 123 -11.49 -21.53 33.01
C TRP D 123 -12.11 -20.14 33.12
N GLY D 124 -12.93 -19.75 32.14
CA GLY D 124 -13.55 -18.45 32.15
C GLY D 124 -14.26 -18.13 33.46
N ALA D 125 -14.76 -19.16 34.13
CA ALA D 125 -15.31 -19.01 35.47
C ALA D 125 -14.94 -20.19 36.35
N LEU D 126 -14.09 -21.09 35.83
CA LEU D 126 -13.87 -22.37 36.50
C LEU D 126 -12.99 -22.24 37.74
N ALA D 127 -12.20 -21.15 37.82
CA ALA D 127 -11.15 -21.07 38.83
C ALA D 127 -11.72 -21.18 40.24
N ALA D 128 -12.70 -20.33 40.57
CA ALA D 128 -13.30 -20.38 41.91
C ALA D 128 -14.32 -21.51 42.01
N GLN D 129 -14.79 -22.01 40.87
CA GLN D 129 -15.82 -23.04 40.87
C GLN D 129 -15.29 -24.35 41.46
N LEU D 130 -14.09 -24.75 41.06
CA LEU D 130 -13.48 -25.96 41.61
C LEU D 130 -13.31 -25.85 43.11
N ALA D 131 -12.79 -24.71 43.58
CA ALA D 131 -12.56 -24.53 45.00
C ALA D 131 -13.86 -24.59 45.78
N LEU D 132 -14.92 -23.98 45.27
CA LEU D 132 -16.16 -23.93 46.03
C LEU D 132 -16.93 -25.24 45.96
N LEU D 133 -16.80 -26.00 44.86
CA LEU D 133 -17.41 -27.33 44.86
C LEU D 133 -16.69 -28.26 45.82
N GLY D 134 -15.36 -28.18 45.86
CA GLY D 134 -14.62 -28.91 46.89
C GLY D 134 -15.00 -28.47 48.29
N LEU D 135 -15.22 -27.17 48.47
CA LEU D 135 -15.60 -26.63 49.77
C LEU D 135 -16.97 -27.12 50.21
N GLY D 136 -17.91 -27.17 49.27
CA GLY D 136 -19.23 -27.70 49.57
C GLY D 136 -19.20 -29.18 49.88
N LEU D 137 -18.32 -29.92 49.20
CA LEU D 137 -18.07 -31.30 49.61
C LEU D 137 -17.50 -31.35 51.03
N LEU D 138 -16.61 -30.41 51.35
CA LEU D 138 -15.98 -30.37 52.67
C LEU D 138 -17.02 -30.14 53.77
N HIS D 139 -17.99 -29.27 53.55
CA HIS D 139 -19.02 -29.05 54.56
C HIS D 139 -19.81 -30.33 54.79
N ALA D 140 -20.53 -30.78 53.78
CA ALA D 140 -21.38 -31.97 53.86
C ALA D 140 -21.93 -32.32 52.48
N CYS E 1 6.92 -29.25 -0.97
CA CYS E 1 5.57 -28.70 -0.88
C CYS E 1 4.58 -29.77 -0.43
N PRO E 2 3.59 -29.37 0.37
CA PRO E 2 2.62 -30.34 0.87
C PRO E 2 1.81 -30.96 -0.26
N ALA E 3 1.38 -32.20 -0.02
CA ALA E 3 0.64 -32.94 -1.04
C ALA E 3 -0.65 -32.26 -1.49
N PRO E 4 -1.52 -31.77 -0.61
CA PRO E 4 -2.78 -31.16 -1.09
C PRO E 4 -2.57 -29.92 -1.94
N CYS E 5 -1.44 -29.23 -1.79
CA CYS E 5 -1.18 -28.02 -2.55
C CYS E 5 -0.39 -28.35 -3.82
N SER E 6 -0.07 -27.32 -4.59
CA SER E 6 0.73 -27.45 -5.80
C SER E 6 1.80 -26.37 -5.79
N CYS E 7 3.06 -26.77 -5.75
CA CYS E 7 4.16 -25.83 -5.66
C CYS E 7 4.83 -25.68 -7.01
N ALA E 8 5.26 -24.46 -7.30
CA ALA E 8 6.02 -24.15 -8.51
C ALA E 8 7.11 -23.17 -8.11
N GLY E 9 8.33 -23.67 -7.98
CA GLY E 9 9.43 -22.82 -7.57
C GLY E 9 9.13 -22.19 -6.23
N THR E 10 9.10 -20.86 -6.19
CA THR E 10 8.79 -20.16 -4.96
C THR E 10 7.29 -20.09 -4.70
N LEU E 11 6.46 -20.07 -5.74
CA LEU E 11 5.03 -19.91 -5.55
C LEU E 11 4.40 -21.21 -5.07
N VAL E 12 3.34 -21.07 -4.28
CA VAL E 12 2.51 -22.20 -3.85
C VAL E 12 1.06 -21.87 -4.15
N ASP E 13 0.30 -22.86 -4.60
CA ASP E 13 -1.07 -22.68 -5.04
C ASP E 13 -1.95 -23.71 -4.33
N CYS E 14 -2.94 -23.23 -3.59
CA CYS E 14 -3.84 -24.11 -2.83
C CYS E 14 -5.28 -23.63 -2.96
N GLY E 15 -5.69 -23.29 -4.18
CA GLY E 15 -6.99 -22.70 -4.41
C GLY E 15 -7.96 -23.67 -5.07
N ARG E 16 -9.25 -23.45 -4.81
CA ARG E 16 -10.33 -24.22 -5.43
C ARG E 16 -10.18 -25.73 -5.20
N ARG E 17 -9.89 -26.09 -3.95
CA ARG E 17 -9.71 -27.51 -3.64
C ARG E 17 -10.37 -27.92 -2.33
N GLY E 18 -11.37 -27.19 -1.86
CA GLY E 18 -12.11 -27.59 -0.67
C GLY E 18 -11.26 -27.72 0.57
N LEU E 19 -10.37 -26.74 0.80
CA LEU E 19 -9.42 -26.80 1.89
C LEU E 19 -10.04 -26.19 3.15
N THR E 20 -10.00 -26.94 4.25
CA THR E 20 -10.64 -26.56 5.50
C THR E 20 -9.59 -26.16 6.53
N TRP E 21 -10.08 -25.77 7.71
CA TRP E 21 -9.20 -25.27 8.77
C TRP E 21 -8.24 -26.35 9.25
N ALA E 22 -8.72 -27.57 9.40
CA ALA E 22 -7.86 -28.65 9.91
C ALA E 22 -7.01 -29.30 8.84
N SER E 23 -7.30 -29.10 7.56
CA SER E 23 -6.56 -29.72 6.48
C SER E 23 -5.42 -28.86 5.96
N LEU E 24 -5.26 -27.64 6.48
CA LEU E 24 -4.14 -26.81 6.10
C LEU E 24 -2.83 -27.48 6.49
N PRO E 25 -1.84 -27.51 5.61
CA PRO E 25 -0.53 -28.04 5.99
C PRO E 25 0.06 -27.28 7.16
N THR E 26 0.79 -28.01 8.00
CA THR E 26 1.31 -27.43 9.24
C THR E 26 2.24 -26.25 8.96
N ALA E 27 3.15 -26.41 8.01
CA ALA E 27 4.12 -25.36 7.72
C ALA E 27 4.44 -25.35 6.24
N PHE E 28 4.19 -24.21 5.60
CA PHE E 28 4.57 -24.01 4.22
C PHE E 28 6.07 -23.77 4.12
N PRO E 29 6.67 -23.95 2.94
CA PRO E 29 8.11 -23.72 2.80
C PRO E 29 8.48 -22.29 3.17
N VAL E 30 9.66 -22.14 3.77
CA VAL E 30 10.08 -20.84 4.29
C VAL E 30 10.27 -19.84 3.16
N ASP E 31 10.78 -20.30 2.02
CA ASP E 31 11.16 -19.39 0.94
C ASP E 31 9.97 -18.81 0.19
N THR E 32 8.75 -19.28 0.46
CA THR E 32 7.61 -18.92 -0.38
C THR E 32 7.38 -17.41 -0.41
N THR E 33 6.95 -16.91 -1.56
CA THR E 33 6.70 -15.49 -1.74
C THR E 33 5.30 -15.16 -2.20
N GLU E 34 4.47 -16.16 -2.50
CA GLU E 34 3.09 -15.89 -2.91
C GLU E 34 2.27 -17.15 -2.70
N LEU E 35 1.30 -17.08 -1.80
CA LEU E 35 0.40 -18.19 -1.54
C LEU E 35 -1.02 -17.75 -1.84
N VAL E 36 -1.77 -18.61 -2.52
CA VAL E 36 -3.14 -18.34 -2.90
C VAL E 36 -4.05 -19.33 -2.18
N LEU E 37 -5.18 -18.83 -1.69
CA LEU E 37 -6.16 -19.66 -1.00
C LEU E 37 -7.58 -19.33 -1.42
N THR E 38 -7.77 -18.79 -2.61
CA THR E 38 -9.07 -18.36 -3.07
C THR E 38 -9.98 -19.56 -3.28
N GLY E 39 -11.28 -19.36 -3.01
CA GLY E 39 -12.27 -20.38 -3.29
C GLY E 39 -12.15 -21.64 -2.47
N ASN E 40 -11.94 -21.50 -1.17
CA ASN E 40 -11.84 -22.62 -0.25
C ASN E 40 -12.86 -22.43 0.88
N ASN E 41 -12.75 -23.28 1.90
CA ASN E 41 -13.66 -23.29 3.04
C ASN E 41 -13.02 -22.71 4.29
N LEU E 42 -11.91 -22.00 4.16
CA LEU E 42 -11.16 -21.54 5.31
C LEU E 42 -11.97 -20.55 6.13
N THR E 43 -12.35 -20.96 7.35
CA THR E 43 -13.04 -20.05 8.25
C THR E 43 -12.10 -19.02 8.84
N ALA E 44 -10.87 -19.43 9.16
CA ALA E 44 -9.88 -18.53 9.71
C ALA E 44 -8.51 -19.15 9.50
N LEU E 45 -7.47 -18.35 9.74
CA LEU E 45 -6.19 -19.02 9.56
C LEU E 45 -5.59 -19.40 10.90
N PRO E 46 -4.95 -20.57 10.97
CA PRO E 46 -4.31 -20.96 12.21
C PRO E 46 -3.19 -20.01 12.56
N PRO E 47 -2.95 -19.77 13.85
CA PRO E 47 -1.85 -18.89 14.24
C PRO E 47 -0.50 -19.54 13.98
N GLY E 48 0.49 -18.71 13.73
CA GLY E 48 1.83 -19.18 13.45
C GLY E 48 2.10 -19.59 12.03
N LEU E 49 1.14 -19.43 11.12
CA LEU E 49 1.33 -19.82 9.73
C LEU E 49 1.88 -18.67 8.90
N LEU E 50 1.16 -17.55 8.86
CA LEU E 50 1.55 -16.43 8.00
C LEU E 50 2.81 -15.72 8.50
N ASP E 51 3.16 -15.90 9.78
CA ASP E 51 4.36 -15.28 10.33
C ASP E 51 5.59 -16.17 10.23
N ALA E 52 5.45 -17.40 9.75
CA ALA E 52 6.57 -18.30 9.54
C ALA E 52 7.11 -18.22 8.11
N LEU E 53 6.61 -17.28 7.31
CA LEU E 53 7.03 -17.12 5.91
C LEU E 53 7.48 -15.67 5.72
N PRO E 54 8.73 -15.36 6.10
CA PRO E 54 9.17 -13.96 6.02
C PRO E 54 9.22 -13.40 4.61
N ALA E 55 9.26 -14.25 3.59
CA ALA E 55 9.43 -13.80 2.21
C ALA E 55 8.11 -13.53 1.51
N LEU E 56 6.99 -13.64 2.20
CA LEU E 56 5.68 -13.44 1.57
C LEU E 56 5.54 -12.00 1.09
N ARG E 57 5.11 -11.83 -0.16
CA ARG E 57 4.80 -10.52 -0.72
C ARG E 57 3.30 -10.27 -0.75
N THR E 58 2.54 -11.14 -1.43
CA THR E 58 1.10 -11.04 -1.51
C THR E 58 0.47 -12.38 -1.14
N ALA E 59 -0.80 -12.33 -0.76
CA ALA E 59 -1.57 -13.53 -0.47
C ALA E 59 -3.01 -13.31 -0.87
N HIS E 60 -3.59 -14.28 -1.55
CA HIS E 60 -4.97 -14.20 -2.03
C HIS E 60 -5.85 -14.99 -1.07
N LEU E 61 -6.82 -14.31 -0.47
CA LEU E 61 -7.65 -14.93 0.56
C LEU E 61 -9.13 -14.71 0.33
N GLY E 62 -9.52 -14.30 -0.88
CA GLY E 62 -10.91 -14.00 -1.17
C GLY E 62 -11.74 -15.24 -1.43
N ALA E 63 -13.05 -15.01 -1.58
CA ALA E 63 -14.01 -16.05 -1.91
C ALA E 63 -13.96 -17.21 -0.92
N ASN E 64 -13.84 -16.88 0.36
CA ASN E 64 -13.79 -17.87 1.43
C ASN E 64 -14.77 -17.50 2.53
N PRO E 65 -15.34 -18.47 3.23
CA PRO E 65 -16.29 -18.19 4.32
C PRO E 65 -15.57 -17.83 5.62
N TRP E 66 -15.18 -16.56 5.72
CA TRP E 66 -14.39 -16.11 6.87
C TRP E 66 -15.31 -15.82 8.04
N ARG E 67 -15.15 -16.58 9.12
CA ARG E 67 -15.85 -16.29 10.37
C ARG E 67 -15.06 -15.25 11.14
N CYS E 68 -15.64 -14.07 11.31
CA CYS E 68 -14.95 -12.94 11.90
C CYS E 68 -15.15 -12.96 13.40
N ASP E 69 -14.17 -13.51 14.11
CA ASP E 69 -14.20 -13.65 15.56
C ASP E 69 -12.77 -13.52 16.05
N CYS E 70 -12.53 -13.97 17.29
CA CYS E 70 -11.19 -13.83 17.86
C CYS E 70 -10.16 -14.63 17.08
N ARG E 71 -10.53 -15.84 16.63
CA ARG E 71 -9.58 -16.70 15.93
C ARG E 71 -9.07 -16.08 14.64
N LEU E 72 -9.79 -15.12 14.07
CA LEU E 72 -9.37 -14.48 12.83
C LEU E 72 -8.45 -13.29 13.08
N VAL E 73 -8.27 -12.89 14.34
CA VAL E 73 -7.39 -11.77 14.69
C VAL E 73 -5.98 -11.97 14.14
N PRO E 74 -5.38 -13.17 14.21
CA PRO E 74 -4.04 -13.33 13.62
C PRO E 74 -3.97 -12.96 12.15
N LEU E 75 -5.00 -13.27 11.37
CA LEU E 75 -5.00 -12.89 9.96
C LEU E 75 -5.11 -11.37 9.80
N ARG E 76 -6.08 -10.77 10.49
CA ARG E 76 -6.34 -9.34 10.30
C ARG E 76 -5.12 -8.50 10.66
N ALA E 77 -4.42 -8.87 11.73
CA ALA E 77 -3.19 -8.16 12.08
C ALA E 77 -2.19 -8.25 10.93
N TRP E 78 -2.01 -9.45 10.37
CA TRP E 78 -1.12 -9.59 9.22
C TRP E 78 -1.61 -8.76 8.04
N LEU E 79 -2.91 -8.51 7.97
CA LEU E 79 -3.45 -7.70 6.89
C LEU E 79 -3.06 -6.23 7.05
N ALA E 80 -2.79 -5.79 8.28
CA ALA E 80 -2.48 -4.38 8.50
C ALA E 80 -1.05 -4.07 8.07
N GLY E 81 -0.11 -4.96 8.33
CA GLY E 81 1.28 -4.70 8.03
C GLY E 81 1.69 -5.13 6.64
N ARG E 82 1.04 -4.57 5.62
CA ARG E 82 1.36 -4.86 4.24
C ARG E 82 1.50 -3.56 3.47
N PRO E 83 2.57 -3.37 2.71
CA PRO E 83 2.74 -2.13 1.96
C PRO E 83 1.69 -1.96 0.88
N GLU E 84 1.46 -2.99 0.09
CA GLU E 84 0.44 -2.97 -0.95
C GLU E 84 -0.84 -3.61 -0.42
N ARG E 85 -1.97 -2.96 -0.66
CA ARG E 85 -3.26 -3.43 -0.19
C ARG E 85 -4.24 -3.54 -1.35
N ALA E 86 -3.78 -4.08 -2.46
CA ALA E 86 -4.61 -4.22 -3.65
C ALA E 86 -5.61 -5.38 -3.53
N PRO E 87 -5.19 -6.62 -3.27
CA PRO E 87 -6.12 -7.75 -3.37
C PRO E 87 -6.91 -8.05 -2.11
N TYR E 88 -6.95 -7.15 -1.13
CA TYR E 88 -7.65 -7.39 0.12
C TYR E 88 -8.94 -6.59 0.23
N ARG E 89 -9.45 -6.09 -0.89
CA ARG E 89 -10.65 -5.26 -0.89
C ARG E 89 -11.94 -6.06 -1.01
N ASP E 90 -11.86 -7.39 -1.01
CA ASP E 90 -13.04 -8.23 -1.16
C ASP E 90 -13.02 -9.38 -0.15
N LEU E 91 -12.64 -9.07 1.08
CA LEU E 91 -12.64 -10.04 2.17
C LEU E 91 -13.84 -9.74 3.06
N ARG E 92 -14.93 -10.49 2.87
CA ARG E 92 -16.17 -10.24 3.59
C ARG E 92 -16.33 -11.24 4.73
N CYS E 93 -17.08 -10.82 5.74
CA CYS E 93 -17.40 -11.65 6.89
C CYS E 93 -18.68 -12.42 6.60
N VAL E 94 -18.56 -13.73 6.40
CA VAL E 94 -19.75 -14.54 6.18
C VAL E 94 -20.55 -14.67 7.47
N ALA E 95 -19.87 -14.60 8.62
CA ALA E 95 -20.49 -14.75 9.92
C ALA E 95 -19.57 -14.10 10.95
N PRO E 96 -20.08 -13.74 12.14
CA PRO E 96 -21.43 -13.88 12.71
C PRO E 96 -22.43 -12.93 12.08
N PRO E 97 -23.73 -13.19 12.28
CA PRO E 97 -24.74 -12.32 11.68
C PRO E 97 -24.67 -10.88 12.16
N ALA E 98 -24.02 -10.62 13.29
CA ALA E 98 -23.86 -9.25 13.75
C ALA E 98 -22.94 -8.45 12.83
N LEU E 99 -22.09 -9.11 12.06
CA LEU E 99 -21.13 -8.45 11.18
C LEU E 99 -21.23 -9.01 9.77
N ARG E 100 -22.46 -9.31 9.32
CA ARG E 100 -22.67 -9.79 7.97
C ARG E 100 -22.26 -8.74 6.95
N GLY E 101 -21.48 -9.17 5.96
CA GLY E 101 -21.13 -8.29 4.86
C GLY E 101 -20.28 -7.09 5.23
N ARG E 102 -19.24 -7.30 6.04
CA ARG E 102 -18.29 -6.26 6.39
C ARG E 102 -16.93 -6.59 5.78
N LEU E 103 -16.30 -5.60 5.17
CA LEU E 103 -14.99 -5.81 4.58
C LEU E 103 -13.95 -5.97 5.68
N LEU E 104 -13.11 -7.00 5.55
CA LEU E 104 -12.19 -7.34 6.64
C LEU E 104 -11.17 -6.25 6.95
N PRO E 105 -10.45 -5.66 5.99
CA PRO E 105 -9.36 -4.74 6.36
C PRO E 105 -9.83 -3.51 7.10
N TYR E 106 -11.12 -3.16 7.00
CA TYR E 106 -11.66 -2.01 7.69
C TYR E 106 -12.29 -2.37 9.03
N LEU E 107 -12.21 -3.64 9.44
CA LEU E 107 -12.69 -4.07 10.73
C LEU E 107 -11.66 -3.71 11.80
N ALA E 108 -12.07 -2.92 12.78
CA ALA E 108 -11.20 -2.67 13.92
C ALA E 108 -11.18 -3.89 14.83
N GLU E 109 -10.19 -3.92 15.73
CA GLU E 109 -10.08 -5.02 16.67
C GLU E 109 -11.21 -5.04 17.69
N ASP E 110 -11.97 -3.95 17.81
CA ASP E 110 -13.12 -3.94 18.71
C ASP E 110 -14.17 -4.95 18.27
N GLU E 111 -14.47 -4.99 16.97
CA GLU E 111 -15.57 -5.85 16.50
C GLU E 111 -15.19 -7.32 16.62
N LEU E 112 -13.97 -7.68 16.24
CA LEU E 112 -13.58 -9.09 16.22
C LEU E 112 -13.51 -9.66 17.62
N ARG E 113 -13.00 -8.87 18.58
CA ARG E 113 -12.88 -9.36 19.95
C ARG E 113 -14.25 -9.63 20.55
N ALA E 114 -15.23 -8.76 20.27
CA ALA E 114 -16.56 -8.94 20.83
C ALA E 114 -17.28 -10.15 20.27
N ALA E 115 -16.87 -10.64 19.10
CA ALA E 115 -17.56 -11.77 18.48
C ALA E 115 -17.42 -13.02 19.33
N CYS E 116 -16.20 -13.35 19.75
CA CYS E 116 -15.99 -14.50 20.64
C CYS E 116 -16.44 -14.06 22.03
N ALA E 117 -17.76 -13.98 22.18
CA ALA E 117 -18.42 -13.32 23.30
C ALA E 117 -17.97 -13.91 24.62
N PRO E 118 -17.18 -13.19 25.43
CA PRO E 118 -16.78 -13.76 26.73
C PRO E 118 -17.97 -14.05 27.64
N GLY E 119 -18.97 -13.17 27.64
CA GLY E 119 -20.16 -13.39 28.42
C GLY E 119 -21.28 -14.09 27.67
N PRO E 120 -21.74 -13.50 26.56
CA PRO E 120 -22.91 -14.06 25.86
C PRO E 120 -22.75 -15.49 25.38
N LEU E 121 -21.54 -15.90 25.00
CA LEU E 121 -21.36 -17.25 24.48
C LEU E 121 -21.55 -18.29 25.57
N CYS E 122 -20.95 -18.07 26.73
CA CYS E 122 -20.89 -19.13 27.74
C CYS E 122 -22.24 -19.38 28.40
N TRP E 123 -22.93 -18.32 28.81
CA TRP E 123 -23.96 -18.51 29.85
C TRP E 123 -25.15 -19.26 29.27
N GLY E 124 -24.94 -20.56 29.06
CA GLY E 124 -26.01 -21.53 29.20
C GLY E 124 -25.96 -21.97 30.65
N ALA E 125 -24.94 -21.47 31.35
CA ALA E 125 -24.72 -21.75 32.77
C ALA E 125 -25.11 -20.57 33.67
N LEU E 126 -25.83 -19.58 33.13
CA LEU E 126 -26.42 -18.57 34.00
C LEU E 126 -27.44 -19.20 34.94
N ALA E 127 -28.26 -20.12 34.42
CA ALA E 127 -29.13 -20.91 35.27
C ALA E 127 -28.32 -21.75 36.25
N ALA E 128 -27.12 -22.18 35.86
CA ALA E 128 -26.27 -22.92 36.79
C ALA E 128 -25.81 -22.03 37.94
N GLN E 129 -25.42 -20.79 37.64
CA GLN E 129 -25.07 -19.83 38.68
C GLN E 129 -26.25 -19.60 39.63
N LEU E 130 -27.43 -19.39 39.05
CA LEU E 130 -28.63 -19.23 39.85
C LEU E 130 -28.87 -20.46 40.72
N ALA E 131 -28.58 -21.65 40.18
CA ALA E 131 -28.75 -22.87 40.96
C ALA E 131 -27.75 -22.95 42.10
N LEU E 132 -26.50 -22.53 41.86
CA LEU E 132 -25.53 -22.48 42.96
C LEU E 132 -26.07 -21.62 44.09
N LEU E 133 -26.49 -20.40 43.78
CA LEU E 133 -26.95 -19.52 44.85
C LEU E 133 -28.24 -20.04 45.49
N GLY E 134 -29.16 -20.58 44.69
CA GLY E 134 -30.42 -21.05 45.24
C GLY E 134 -30.27 -22.23 46.16
N LEU E 135 -29.43 -23.20 45.79
CA LEU E 135 -29.24 -24.33 46.68
C LEU E 135 -28.25 -24.05 47.80
N GLY E 136 -27.43 -23.01 47.68
CA GLY E 136 -26.74 -22.49 48.85
C GLY E 136 -27.71 -21.89 49.84
N LEU E 137 -28.74 -21.20 49.34
CA LEU E 137 -29.83 -20.76 50.21
C LEU E 137 -30.56 -21.95 50.81
N LEU E 138 -30.73 -23.02 50.02
CA LEU E 138 -31.27 -24.27 50.55
C LEU E 138 -30.47 -24.76 51.74
N HIS E 139 -29.14 -24.83 51.60
CA HIS E 139 -28.30 -25.18 52.74
C HIS E 139 -28.42 -24.14 53.84
N ALA E 140 -28.38 -22.86 53.47
CA ALA E 140 -28.52 -21.77 54.43
C ALA E 140 -29.94 -21.69 54.96
N THR F 1 -38.29 7.04 -11.77
CA THR F 1 -37.99 6.69 -10.39
C THR F 1 -36.49 6.60 -10.15
N LYS F 2 -35.82 7.75 -10.19
CA LYS F 2 -34.39 7.79 -9.96
C LYS F 2 -34.06 7.40 -8.54
N ASP F 3 -32.91 6.75 -8.36
CA ASP F 3 -32.43 6.35 -7.05
C ASP F 3 -31.67 7.47 -6.35
N CYS F 4 -31.93 8.71 -6.74
CA CYS F 4 -31.13 9.83 -6.27
C CYS F 4 -31.52 10.19 -4.84
N PRO F 5 -30.55 10.43 -3.96
CA PRO F 5 -30.88 10.91 -2.62
C PRO F 5 -31.60 12.24 -2.67
N SER F 6 -32.62 12.38 -1.82
CA SER F 6 -33.45 13.59 -1.86
C SER F 6 -32.66 14.85 -1.56
N PRO F 7 -31.91 14.98 -0.45
CA PRO F 7 -31.12 16.20 -0.26
C PRO F 7 -29.75 16.11 -0.89
N CYS F 8 -29.67 15.63 -2.14
CA CYS F 8 -28.40 15.52 -2.83
C CYS F 8 -28.64 15.66 -4.32
N THR F 9 -27.59 16.03 -5.05
CA THR F 9 -27.63 16.22 -6.50
C THR F 9 -26.75 15.17 -7.16
N CYS F 10 -27.36 14.22 -7.84
CA CYS F 10 -26.62 13.11 -8.44
C CYS F 10 -26.83 13.08 -9.95
N ARG F 11 -25.75 12.78 -10.67
CA ARG F 11 -25.75 12.73 -12.13
C ARG F 11 -25.05 11.47 -12.61
N ALA F 12 -25.53 10.92 -13.72
CA ALA F 12 -25.04 9.66 -14.26
C ALA F 12 -24.20 9.93 -15.51
N LEU F 13 -22.94 9.52 -15.48
CA LEU F 13 -22.05 9.60 -16.62
C LEU F 13 -21.92 8.23 -17.25
N GLU F 14 -21.99 8.18 -18.58
CA GLU F 14 -22.12 6.91 -19.28
C GLU F 14 -20.94 5.98 -19.02
N THR F 15 -19.72 6.51 -19.07
CA THR F 15 -18.53 5.71 -18.85
C THR F 15 -17.91 5.95 -17.48
N MET F 16 -18.63 6.61 -16.57
CA MET F 16 -18.06 6.92 -15.27
C MET F 16 -19.03 6.69 -14.11
N GLY F 17 -20.19 6.08 -14.34
CA GLY F 17 -21.04 5.68 -13.24
C GLY F 17 -21.93 6.78 -12.69
N LEU F 18 -22.04 6.84 -11.36
CA LEU F 18 -22.89 7.81 -10.68
C LEU F 18 -22.03 8.71 -9.82
N TRP F 19 -22.19 10.02 -10.00
CA TRP F 19 -21.47 11.03 -9.25
C TRP F 19 -22.49 11.82 -8.44
N VAL F 20 -22.35 11.79 -7.12
CA VAL F 20 -23.30 12.43 -6.22
C VAL F 20 -22.60 13.55 -5.48
N ASP F 21 -23.32 14.67 -5.31
CA ASP F 21 -22.82 15.84 -4.61
C ASP F 21 -23.80 16.16 -3.48
N CYS F 22 -23.28 16.21 -2.26
CA CYS F 22 -24.08 16.58 -1.10
C CYS F 22 -23.38 17.68 -0.31
N ARG F 23 -22.61 18.53 -0.99
CA ARG F 23 -21.91 19.60 -0.32
C ARG F 23 -22.88 20.69 0.10
N GLY F 24 -22.73 21.18 1.32
CA GLY F 24 -23.47 22.33 1.79
C GLY F 24 -24.92 22.08 2.14
N HIS F 25 -25.36 20.82 2.20
CA HIS F 25 -26.74 20.53 2.53
C HIS F 25 -26.98 20.39 4.02
N GLY F 26 -25.95 20.61 4.85
CA GLY F 26 -26.12 20.52 6.28
C GLY F 26 -26.48 19.14 6.78
N LEU F 27 -25.97 18.11 6.13
CA LEU F 27 -26.27 16.74 6.52
C LEU F 27 -25.66 16.43 7.88
N THR F 28 -26.33 15.53 8.61
CA THR F 28 -25.81 15.01 9.86
C THR F 28 -25.50 13.53 9.82
N ALA F 29 -26.22 12.77 8.99
CA ALA F 29 -25.96 11.36 8.79
C ALA F 29 -26.00 11.07 7.29
N LEU F 30 -25.36 9.97 6.91
CA LEU F 30 -25.25 9.63 5.49
C LEU F 30 -26.63 9.40 4.90
N PRO F 31 -26.93 9.97 3.74
CA PRO F 31 -28.21 9.70 3.08
C PRO F 31 -28.20 8.33 2.42
N ALA F 32 -29.32 7.99 1.78
CA ALA F 32 -29.48 6.69 1.13
C ALA F 32 -28.70 6.70 -0.18
N LEU F 33 -27.42 6.36 -0.09
CA LEU F 33 -26.58 6.33 -1.27
C LEU F 33 -26.92 5.11 -2.12
N PRO F 34 -27.24 5.28 -3.41
CA PRO F 34 -27.59 4.13 -4.25
C PRO F 34 -26.44 3.14 -4.42
N ALA F 35 -26.68 2.05 -5.14
CA ALA F 35 -25.75 0.95 -5.20
C ALA F 35 -24.68 1.09 -6.27
N ARG F 36 -24.68 2.19 -7.04
CA ARG F 36 -23.74 2.33 -8.15
C ARG F 36 -23.02 3.67 -8.11
N THR F 37 -22.83 4.25 -6.93
CA THR F 37 -22.11 5.50 -6.83
C THR F 37 -20.61 5.24 -6.91
N ARG F 38 -19.95 5.86 -7.88
CA ARG F 38 -18.51 5.72 -8.02
C ARG F 38 -17.75 6.90 -7.45
N HIS F 39 -18.38 8.07 -7.39
CA HIS F 39 -17.80 9.26 -6.78
C HIS F 39 -18.81 9.84 -5.80
N LEU F 40 -18.31 10.38 -4.70
CA LEU F 40 -19.19 10.83 -3.62
C LEU F 40 -18.49 11.98 -2.89
N LEU F 41 -19.05 13.17 -2.98
CA LEU F 41 -18.48 14.36 -2.36
C LEU F 41 -19.38 14.81 -1.21
N LEU F 42 -18.77 14.99 -0.03
CA LEU F 42 -19.50 15.44 1.15
C LEU F 42 -18.79 16.60 1.82
N ALA F 43 -17.99 17.35 1.08
CA ALA F 43 -17.22 18.44 1.66
C ALA F 43 -18.14 19.55 2.14
N ASN F 44 -17.75 20.19 3.23
CA ASN F 44 -18.48 21.32 3.81
C ASN F 44 -19.91 20.92 4.15
N ASN F 45 -20.01 20.01 5.12
CA ASN F 45 -21.28 19.61 5.69
C ASN F 45 -21.20 19.62 7.21
N SER F 46 -22.21 19.08 7.88
CA SER F 46 -22.23 18.98 9.34
C SER F 46 -22.10 17.52 9.79
N LEU F 47 -21.44 16.69 8.98
CA LEU F 47 -21.27 15.28 9.30
C LEU F 47 -20.45 15.12 10.57
N GLN F 48 -20.89 14.22 11.44
CA GLN F 48 -20.25 14.00 12.73
C GLN F 48 -19.40 12.74 12.78
N SER F 49 -19.96 11.59 12.39
CA SER F 49 -19.22 10.35 12.38
C SER F 49 -19.93 9.36 11.47
N VAL F 50 -19.19 8.79 10.52
CA VAL F 50 -19.79 7.84 9.57
C VAL F 50 -20.05 6.52 10.28
N PRO F 51 -21.24 5.92 10.13
CA PRO F 51 -21.50 4.61 10.72
C PRO F 51 -20.59 3.55 10.12
N PRO F 52 -20.07 2.64 10.94
CA PRO F 52 -19.20 1.58 10.41
C PRO F 52 -19.89 0.78 9.32
N GLY F 53 -19.13 0.42 8.29
CA GLY F 53 -19.66 -0.37 7.21
C GLY F 53 -20.61 0.34 6.28
N ALA F 54 -20.56 1.68 6.26
CA ALA F 54 -21.47 2.43 5.39
C ALA F 54 -21.15 2.18 3.91
N PHE F 55 -19.86 2.14 3.57
CA PHE F 55 -19.43 1.98 2.18
C PHE F 55 -19.09 0.54 1.85
N ASP F 56 -19.37 -0.40 2.75
CA ASP F 56 -19.05 -1.79 2.48
C ASP F 56 -19.98 -2.42 1.44
N HIS F 57 -21.14 -1.81 1.19
CA HIS F 57 -22.08 -2.32 0.21
C HIS F 57 -22.04 -1.54 -1.11
N LEU F 58 -21.02 -0.71 -1.32
CA LEU F 58 -20.88 0.11 -2.52
C LEU F 58 -19.56 -0.29 -3.19
N PRO F 59 -19.58 -1.34 -4.02
CA PRO F 59 -18.32 -1.85 -4.58
C PRO F 59 -17.60 -0.87 -5.50
N GLN F 60 -18.32 -0.05 -6.24
CA GLN F 60 -17.71 0.76 -7.29
C GLN F 60 -17.13 2.07 -6.79
N LEU F 61 -17.23 2.37 -5.49
CA LEU F 61 -16.78 3.66 -5.00
C LEU F 61 -15.26 3.77 -5.14
N GLN F 62 -14.81 4.88 -5.74
CA GLN F 62 -13.39 5.07 -6.01
C GLN F 62 -12.86 6.43 -5.62
N THR F 63 -13.70 7.44 -5.42
CA THR F 63 -13.26 8.76 -5.01
C THR F 63 -14.14 9.26 -3.88
N LEU F 64 -13.52 9.92 -2.90
CA LEU F 64 -14.22 10.30 -1.67
C LEU F 64 -13.63 11.61 -1.18
N ASP F 65 -14.30 12.72 -1.47
CA ASP F 65 -13.91 14.04 -0.98
C ASP F 65 -14.73 14.33 0.26
N VAL F 66 -14.06 14.37 1.42
CA VAL F 66 -14.77 14.46 2.68
C VAL F 66 -14.19 15.57 3.54
N THR F 67 -13.40 16.44 2.93
CA THR F 67 -12.70 17.48 3.68
C THR F 67 -13.68 18.52 4.22
N GLN F 68 -13.21 19.29 5.19
CA GLN F 68 -13.97 20.39 5.80
C GLN F 68 -15.30 19.90 6.40
N ASN F 69 -15.18 19.03 7.40
CA ASN F 69 -16.33 18.50 8.10
C ASN F 69 -16.04 18.47 9.59
N PRO F 70 -17.09 18.56 10.43
CA PRO F 70 -16.88 18.48 11.89
C PRO F 70 -16.87 17.04 12.39
N TRP F 71 -15.76 16.36 12.16
CA TRP F 71 -15.62 14.97 12.54
C TRP F 71 -15.35 14.83 14.03
N HIS F 72 -16.03 13.88 14.67
CA HIS F 72 -15.79 13.55 16.07
C HIS F 72 -14.89 12.32 16.09
N CYS F 73 -13.59 12.55 15.93
CA CYS F 73 -12.64 11.45 15.72
C CYS F 73 -12.43 10.69 17.02
N ASP F 74 -12.89 9.44 17.02
CA ASP F 74 -12.81 8.53 18.15
C ASP F 74 -12.70 7.12 17.59
N CYS F 75 -13.02 6.12 18.40
CA CYS F 75 -12.94 4.74 17.93
C CYS F 75 -13.89 4.52 16.75
N SER F 76 -15.10 5.06 16.84
CA SER F 76 -16.08 4.86 15.78
C SER F 76 -15.64 5.44 14.44
N LEU F 77 -14.65 6.33 14.44
CA LEU F 77 -14.16 6.89 13.18
C LEU F 77 -13.13 6.00 12.50
N THR F 78 -12.71 4.90 13.14
CA THR F 78 -11.71 4.04 12.52
C THR F 78 -12.11 3.63 11.13
N TYR F 79 -13.39 3.26 10.95
CA TYR F 79 -13.86 2.81 9.65
C TYR F 79 -13.57 3.84 8.56
N LEU F 80 -13.71 5.13 8.88
CA LEU F 80 -13.36 6.14 7.91
C LEU F 80 -11.87 6.18 7.67
N ARG F 81 -11.07 6.22 8.74
CA ARG F 81 -9.64 6.40 8.59
C ARG F 81 -9.03 5.25 7.78
N LEU F 82 -9.30 4.02 8.20
CA LEU F 82 -8.79 2.86 7.48
C LEU F 82 -9.30 2.84 6.04
N TRP F 83 -10.44 3.47 5.77
CA TRP F 83 -10.90 3.57 4.40
C TRP F 83 -9.99 4.48 3.60
N LEU F 84 -9.72 5.69 4.11
CA LEU F 84 -8.92 6.65 3.35
C LEU F 84 -7.52 6.10 3.11
N GLU F 85 -6.88 5.59 4.17
CA GLU F 85 -5.55 5.02 4.04
C GLU F 85 -5.51 3.87 3.07
N ASP F 86 -6.65 3.25 2.78
CA ASP F 86 -6.68 2.16 1.81
C ASP F 86 -6.98 2.63 0.40
N ARG F 87 -7.64 3.78 0.23
CA ARG F 87 -8.03 4.23 -1.09
C ARG F 87 -7.40 5.56 -1.47
N THR F 88 -7.52 6.58 -0.62
CA THR F 88 -7.03 7.93 -0.91
C THR F 88 -6.10 8.36 0.21
N PRO F 89 -4.85 7.90 0.21
CA PRO F 89 -3.93 8.28 1.29
C PRO F 89 -3.72 9.77 1.43
N GLU F 90 -3.67 10.50 0.31
CA GLU F 90 -3.41 11.93 0.37
C GLU F 90 -4.50 12.66 1.16
N ALA F 91 -5.73 12.16 1.11
CA ALA F 91 -6.82 12.79 1.85
C ALA F 91 -6.54 12.81 3.35
N LEU F 92 -5.69 11.92 3.85
CA LEU F 92 -5.38 11.93 5.26
C LEU F 92 -4.60 13.16 5.69
N LEU F 93 -4.05 13.91 4.74
CA LEU F 93 -3.32 15.13 5.07
C LEU F 93 -4.17 16.38 5.00
N GLN F 94 -5.47 16.25 4.71
CA GLN F 94 -6.34 17.40 4.56
C GLN F 94 -7.67 17.30 5.30
N VAL F 95 -8.03 16.12 5.83
CA VAL F 95 -9.26 15.97 6.60
C VAL F 95 -8.93 16.06 8.08
N ARG F 96 -9.75 16.79 8.82
CA ARG F 96 -9.51 17.04 10.23
C ARG F 96 -10.75 16.72 11.04
N CYS F 97 -10.55 16.29 12.28
CA CYS F 97 -11.63 15.95 13.19
C CYS F 97 -11.87 17.09 14.16
N ALA F 98 -13.14 17.43 14.39
CA ALA F 98 -13.48 18.59 15.20
C ALA F 98 -13.35 18.31 16.69
N SER F 99 -13.86 17.16 17.15
CA SER F 99 -13.87 16.84 18.56
C SER F 99 -13.27 15.46 18.78
N PRO F 100 -12.62 15.22 19.94
CA PRO F 100 -12.42 16.13 21.07
C PRO F 100 -11.38 17.21 20.80
N SER F 101 -11.38 18.25 21.63
CA SER F 101 -10.47 19.36 21.43
C SER F 101 -9.01 18.94 21.51
N LEU F 102 -8.72 17.79 22.13
CA LEU F 102 -7.35 17.29 22.16
C LEU F 102 -6.85 16.95 20.76
N ALA F 103 -7.72 16.36 19.93
CA ALA F 103 -7.33 15.84 18.64
C ALA F 103 -7.53 16.82 17.49
N ALA F 104 -8.07 18.01 17.75
CA ALA F 104 -8.30 18.99 16.69
C ALA F 104 -7.16 19.98 16.58
N HIS F 105 -5.94 19.48 16.39
CA HIS F 105 -4.76 20.32 16.26
C HIS F 105 -3.95 19.98 15.01
N GLY F 106 -4.54 19.25 14.06
CA GLY F 106 -3.84 18.88 12.86
C GLY F 106 -4.67 17.95 11.99
N PRO F 107 -4.09 17.49 10.88
CA PRO F 107 -4.80 16.57 10.01
C PRO F 107 -4.90 15.18 10.63
N LEU F 108 -5.80 14.38 10.05
CA LEU F 108 -6.06 13.05 10.60
C LEU F 108 -4.85 12.14 10.48
N GLY F 109 -4.10 12.26 9.38
CA GLY F 109 -2.98 11.35 9.14
C GLY F 109 -1.88 11.48 10.18
N ARG F 110 -1.48 12.71 10.48
CA ARG F 110 -0.34 12.94 11.38
C ARG F 110 -0.86 13.14 12.80
N LEU F 111 -1.34 12.05 13.39
CA LEU F 111 -1.80 12.04 14.77
C LEU F 111 -1.25 10.79 15.45
N THR F 112 -0.81 10.95 16.70
CA THR F 112 -0.32 9.81 17.45
C THR F 112 -1.48 8.94 17.89
N GLY F 113 -1.15 7.73 18.36
CA GLY F 113 -2.19 6.81 18.76
C GLY F 113 -3.03 7.33 19.91
N TYR F 114 -2.42 8.06 20.83
CA TYR F 114 -3.15 8.57 21.98
C TYR F 114 -4.18 9.61 21.57
N GLN F 115 -3.77 10.60 20.78
CA GLN F 115 -4.69 11.65 20.38
C GLN F 115 -5.69 11.20 19.32
N LEU F 116 -5.52 10.01 18.76
CA LEU F 116 -6.38 9.52 17.69
C LEU F 116 -7.38 8.52 18.23
N GLY F 117 -7.94 8.77 19.42
CA GLY F 117 -8.86 7.81 19.99
C GLY F 117 -8.12 6.57 20.43
N SER F 118 -7.36 6.67 21.52
CA SER F 118 -6.40 5.64 21.88
C SER F 118 -7.15 4.38 22.32
N CYS F 119 -7.63 3.64 21.32
CA CYS F 119 -8.31 2.37 21.56
C CYS F 119 -7.78 1.34 20.57
N GLY F 120 -6.99 0.40 21.06
CA GLY F 120 -6.62 -0.77 20.30
C GLY F 120 -7.37 -1.97 20.85
N TRP F 121 -6.70 -2.74 21.70
CA TRP F 121 -7.35 -3.80 22.44
C TRP F 121 -7.86 -3.22 23.76
N GLN F 122 -9.16 -3.35 23.99
CA GLN F 122 -9.81 -2.79 25.18
C GLN F 122 -9.70 -3.80 26.31
N LEU F 123 -8.53 -3.81 26.94
CA LEU F 123 -8.21 -4.77 28.00
C LEU F 123 -8.93 -4.35 29.28
N GLN F 124 -10.21 -4.69 29.35
CA GLN F 124 -10.98 -4.41 30.56
C GLN F 124 -10.52 -5.29 31.70
N ALA F 125 -10.51 -4.71 32.91
CA ALA F 125 -9.98 -5.40 34.08
C ALA F 125 -10.88 -6.55 34.49
N SER F 126 -10.27 -7.58 35.09
CA SER F 126 -10.97 -8.81 35.45
C SER F 126 -11.83 -8.55 36.70
N TRP F 127 -12.96 -7.88 36.49
CA TRP F 127 -13.98 -7.74 37.51
C TRP F 127 -15.37 -7.89 36.91
N VAL F 128 -15.47 -8.40 35.69
CA VAL F 128 -16.71 -8.59 34.94
C VAL F 128 -16.63 -9.99 34.36
N ARG F 129 -17.51 -10.33 33.40
CA ARG F 129 -17.55 -11.69 32.87
C ARG F 129 -17.95 -12.61 34.01
N PRO F 130 -19.26 -12.71 34.28
CA PRO F 130 -19.78 -12.76 35.66
C PRO F 130 -19.42 -13.99 36.46
N GLY F 131 -18.46 -14.79 36.01
CA GLY F 131 -17.82 -15.69 36.94
C GLY F 131 -17.42 -14.95 38.20
N VAL F 132 -16.65 -13.87 38.03
CA VAL F 132 -16.13 -13.10 39.17
C VAL F 132 -17.27 -12.60 40.05
N LEU F 133 -18.34 -12.08 39.43
CA LEU F 133 -19.48 -11.60 40.20
C LEU F 133 -20.09 -12.73 41.03
N TRP F 134 -20.22 -13.92 40.43
CA TRP F 134 -20.72 -15.07 41.15
C TRP F 134 -19.66 -15.75 42.00
N ASP F 135 -18.40 -15.72 41.57
CA ASP F 135 -17.33 -16.33 42.35
C ASP F 135 -17.33 -15.81 43.79
N VAL F 136 -17.38 -14.49 43.97
CA VAL F 136 -17.48 -13.92 45.31
C VAL F 136 -18.74 -14.45 45.99
N ALA F 137 -19.87 -14.41 45.28
CA ALA F 137 -21.10 -14.99 45.83
C ALA F 137 -20.87 -16.43 46.25
N LEU F 138 -20.08 -17.17 45.47
CA LEU F 138 -19.73 -18.53 45.84
C LEU F 138 -19.13 -18.59 47.24
N VAL F 139 -18.11 -17.77 47.49
CA VAL F 139 -17.48 -17.84 48.81
C VAL F 139 -18.44 -17.35 49.87
N ALA F 140 -19.44 -16.55 49.48
CA ALA F 140 -20.48 -16.16 50.43
C ALA F 140 -21.22 -17.39 50.93
N VAL F 141 -21.55 -18.31 50.02
CA VAL F 141 -22.18 -19.56 50.42
C VAL F 141 -21.27 -20.32 51.37
N ALA F 142 -19.95 -20.13 51.24
CA ALA F 142 -19.01 -20.76 52.16
C ALA F 142 -19.26 -20.30 53.59
N ALA F 143 -19.52 -19.00 53.79
CA ALA F 143 -19.72 -18.49 55.13
C ALA F 143 -21.12 -18.80 55.66
N LEU F 144 -21.98 -19.41 54.84
CA LEU F 144 -23.37 -19.60 55.26
C LEU F 144 -23.52 -20.81 56.18
N GLY F 145 -23.17 -22.00 55.68
CA GLY F 145 -23.48 -23.23 56.40
C GLY F 145 -22.38 -24.26 56.48
N LEU F 146 -21.13 -23.82 56.58
CA LEU F 146 -20.01 -24.75 56.72
C LEU F 146 -20.06 -25.48 58.06
N ASP G 2 -21.75 -22.31 27.19
CA ASP G 2 -21.95 -23.53 26.43
C ASP G 2 -20.77 -24.49 26.60
N PHE G 3 -19.90 -24.54 25.59
CA PHE G 3 -18.80 -25.49 25.61
C PHE G 3 -17.81 -25.17 26.73
N CYS G 4 -17.36 -23.91 26.81
CA CYS G 4 -16.33 -23.61 27.80
C CYS G 4 -16.88 -23.63 29.21
N CYS G 5 -18.20 -23.63 29.36
CA CYS G 5 -18.84 -23.90 30.65
C CYS G 5 -19.30 -25.34 30.78
N LEU G 6 -19.24 -26.11 29.69
CA LEU G 6 -19.63 -27.52 29.72
C LEU G 6 -18.73 -28.32 30.65
N LEU G 7 -17.42 -28.09 30.58
CA LEU G 7 -16.51 -28.78 31.48
C LEU G 7 -16.84 -28.52 32.95
N PRO G 8 -17.18 -27.30 33.39
CA PRO G 8 -17.76 -27.14 34.73
C PRO G 8 -19.28 -27.28 34.78
N LEU G 9 -19.97 -27.53 33.66
CA LEU G 9 -21.41 -27.80 33.73
C LEU G 9 -21.70 -29.00 34.60
N GLY G 10 -20.97 -30.09 34.39
CA GLY G 10 -21.11 -31.24 35.27
C GLY G 10 -20.64 -30.97 36.67
N PHE G 11 -19.82 -29.93 36.85
CA PHE G 11 -19.22 -29.66 38.15
C PHE G 11 -20.10 -28.78 39.04
N TYR G 12 -20.83 -27.80 38.48
CA TYR G 12 -21.77 -27.07 39.33
C TYR G 12 -22.84 -28.00 39.84
N VAL G 13 -23.39 -28.82 38.93
CA VAL G 13 -24.46 -29.74 39.31
C VAL G 13 -23.95 -30.80 40.27
N LEU G 14 -22.69 -31.21 40.15
CA LEU G 14 -22.20 -32.29 41.01
C LEU G 14 -21.98 -31.83 42.45
N GLY G 15 -21.26 -30.73 42.65
CA GLY G 15 -21.16 -30.16 43.98
C GLY G 15 -22.51 -29.71 44.51
N LEU G 16 -23.37 -29.24 43.61
CA LEU G 16 -24.74 -28.91 43.97
C LEU G 16 -25.51 -30.12 44.49
N PHE G 17 -25.35 -31.28 43.86
CA PHE G 17 -26.03 -32.48 44.33
C PHE G 17 -25.40 -33.02 45.60
N TRP G 18 -24.10 -32.79 45.80
CA TRP G 18 -23.51 -33.09 47.11
C TRP G 18 -24.13 -32.22 48.19
N LEU G 19 -24.39 -30.95 47.87
CA LEU G 19 -25.12 -30.08 48.80
C LEU G 19 -26.55 -30.56 48.99
N LEU G 20 -27.18 -31.09 47.94
CA LEU G 20 -28.49 -31.69 48.09
C LEU G 20 -28.45 -32.87 49.06
N PHE G 21 -27.38 -33.67 48.98
CA PHE G 21 -27.12 -34.68 49.99
C PHE G 21 -27.02 -34.05 51.37
N ALA G 22 -26.34 -32.91 51.48
CA ALA G 22 -26.29 -32.18 52.74
C ALA G 22 -27.66 -31.68 53.17
N SER G 23 -28.63 -31.63 52.25
CA SER G 23 -29.98 -31.19 52.59
C SER G 23 -31.00 -32.25 52.20
C1 NAG H . 19.39 39.34 -17.37
C2 NAG H . 19.80 40.70 -17.93
C3 NAG H . 19.63 41.78 -16.87
C4 NAG H . 18.21 41.74 -16.30
C5 NAG H . 17.88 40.33 -15.82
C6 NAG H . 16.44 40.19 -15.36
C7 NAG H . 21.58 41.46 -19.43
C8 NAG H . 23.03 41.31 -19.81
N2 NAG H . 21.16 40.68 -18.42
O3 NAG H . 19.89 43.05 -17.44
O4 NAG H . 18.10 42.65 -15.21
O5 NAG H . 18.05 39.39 -16.89
O6 NAG H . 15.71 39.32 -16.20
O7 NAG H . 20.84 42.23 -20.02
C1 NAG H . 17.37 43.81 -15.63
C2 NAG H . 16.58 44.35 -14.45
C3 NAG H . 15.84 45.63 -14.84
C4 NAG H . 16.81 46.63 -15.44
C5 NAG H . 17.60 46.01 -16.58
C6 NAG H . 18.67 46.92 -17.13
C7 NAG H . 15.30 43.26 -12.66
C8 NAG H . 14.31 42.17 -12.33
N2 NAG H . 15.64 43.35 -13.95
O3 NAG H . 15.20 46.18 -13.70
O4 NAG H . 16.09 47.77 -15.94
O5 NAG H . 18.26 44.83 -16.11
O6 NAG H . 19.86 46.84 -16.36
O7 NAG H . 15.75 44.01 -11.81
C1 NAG I . -14.55 6.60 -35.86
C2 NAG I . -15.02 6.75 -37.29
C3 NAG I . -16.39 6.09 -37.47
C4 NAG I . -16.34 4.65 -36.97
C5 NAG I . -15.76 4.58 -35.56
C6 NAG I . -15.54 3.17 -35.08
C7 NAG I . -14.96 8.56 -38.96
C8 NAG I . -15.05 10.04 -39.18
N2 NAG I . -15.09 8.15 -37.69
O3 NAG I . -16.76 6.14 -38.84
O4 NAG I . -17.66 4.11 -36.93
O5 NAG I . -14.48 5.23 -35.51
O6 NAG I . -14.57 3.12 -34.04
O7 NAG I . -14.81 7.77 -39.88
C1 NAG I . -17.95 3.39 -38.14
C2 NAG I . -18.92 2.25 -37.82
C3 NAG I . -19.32 1.52 -39.09
C4 NAG I . -19.85 2.50 -40.12
C5 NAG I . -18.85 3.62 -40.36
C6 NAG I . -19.38 4.69 -41.28
C7 NAG I . -18.97 0.93 -35.75
C8 NAG I . -18.22 -0.02 -34.87
N2 NAG I . -18.33 1.33 -36.85
O3 NAG I . -20.30 0.53 -38.78
O4 NAG I . -20.09 1.81 -41.35
O5 NAG I . -18.54 4.26 -39.11
O6 NAG I . -18.87 5.97 -40.94
O7 NAG I . -20.10 1.31 -35.47
C1 NAG J . 23.24 -21.94 -12.09
C2 NAG J . 23.63 -23.04 -13.08
C3 NAG J . 25.15 -23.02 -13.33
C4 NAG J . 25.94 -23.01 -12.03
C5 NAG J . 25.35 -22.02 -11.04
C6 NAG J . 26.37 -21.08 -10.45
C7 NAG J . 22.54 -25.22 -13.35
C8 NAG J . 22.23 -24.80 -14.75
N2 NAG J . 23.21 -24.34 -12.60
O3 NAG J . 25.47 -21.87 -14.09
O4 NAG J . 25.95 -24.31 -11.44
O5 NAG J . 24.38 -21.20 -11.71
O6 NAG J . 25.79 -19.82 -10.10
O7 NAG J . 22.19 -26.32 -12.92
C1 NAG J . 27.25 -24.89 -11.73
C2 NAG J . 27.96 -25.15 -10.41
C3 NAG J . 29.33 -25.78 -10.67
C4 NAG J . 29.20 -27.02 -11.56
C5 NAG J . 28.37 -26.69 -12.81
C6 NAG J . 28.06 -27.91 -13.65
C7 NAG J . 28.16 -23.90 -8.30
C8 NAG J . 28.32 -22.54 -7.68
N2 NAG J . 28.12 -23.93 -9.64
O3 NAG J . 29.93 -26.14 -9.43
O4 NAG J . 30.48 -27.44 -11.99
O5 NAG J . 27.11 -26.12 -12.44
O6 NAG J . 26.66 -28.09 -13.80
O7 NAG J . 28.09 -24.92 -7.63
C1 BMA J . 31.01 -28.49 -11.14
C2 BMA J . 30.22 -29.79 -11.42
C3 BMA J . 30.86 -30.94 -10.65
C4 BMA J . 32.37 -31.02 -10.91
C5 BMA J . 33.02 -29.66 -10.58
C6 BMA J . 34.51 -29.65 -10.88
O2 BMA J . 30.31 -30.13 -12.79
O3 BMA J . 30.25 -32.18 -10.97
O4 BMA J . 32.95 -32.02 -10.08
O5 BMA J . 32.39 -28.66 -11.40
O6 BMA J . 35.04 -30.92 -10.54
C1 NAG K . 20.96 -8.64 30.63
C2 NAG K . 21.59 -9.25 31.87
C3 NAG K . 23.08 -8.94 31.89
C4 NAG K . 23.73 -9.41 30.59
C5 NAG K . 22.97 -8.86 29.38
C6 NAG K . 23.46 -9.44 28.07
C7 NAG K . 20.58 -9.57 34.08
C8 NAG K . 20.84 -11.03 33.89
N2 NAG K . 20.95 -8.76 33.09
O3 NAG K . 23.68 -9.60 33.01
O4 NAG K . 25.07 -8.94 30.52
O5 NAG K . 21.58 -9.17 29.47
O6 NAG K . 24.22 -10.63 28.27
O7 NAG K . 20.04 -9.13 35.10
C1 NAG K . 26.04 -9.93 30.94
C2 NAG K . 27.41 -9.29 30.83
C3 NAG K . 28.50 -10.24 31.33
C4 NAG K . 28.16 -10.75 32.73
C5 NAG K . 26.76 -11.35 32.73
C6 NAG K . 26.30 -11.81 34.10
C7 NAG K . 28.31 -7.72 29.17
C8 NAG K . 28.51 -7.45 27.71
N2 NAG K . 27.70 -8.87 29.47
O3 NAG K . 29.75 -9.57 31.33
O4 NAG K . 29.09 -11.75 33.12
O5 NAG K . 25.81 -10.38 32.28
O6 NAG K . 25.26 -12.77 34.00
O7 NAG K . 28.69 -6.93 30.03
C1 BMA K . 30.13 -11.21 33.96
C2 BMA K . 30.46 -12.26 35.04
C3 BMA K . 31.75 -11.90 35.78
C4 BMA K . 32.87 -11.52 34.81
C5 BMA K . 32.38 -10.38 33.92
C6 BMA K . 33.45 -9.93 32.94
O2 BMA K . 30.70 -13.53 34.45
O3 BMA K . 32.18 -12.96 36.62
O4 BMA K . 34.01 -11.10 35.53
O5 BMA K . 31.27 -10.87 33.17
O6 BMA K . 32.99 -8.73 32.33
C1 NAG L . -17.21 -26.54 2.08
C2 NAG L . -17.47 -26.27 0.61
C3 NAG L . -18.93 -26.61 0.27
C4 NAG L . -19.28 -28.01 0.73
C5 NAG L . -18.88 -28.23 2.18
C6 NAG L . -19.04 -29.68 2.62
C7 NAG L . -16.66 -24.52 -0.91
C8 NAG L . -16.41 -23.06 -1.09
N2 NAG L . -17.18 -24.89 0.27
O3 NAG L . -19.14 -26.47 -1.13
O4 NAG L . -20.68 -28.21 0.62
O5 NAG L . -17.50 -27.91 2.38
O6 NAG L . -19.42 -29.75 3.99
O7 NAG L . -16.40 -25.35 -1.79
C1 NAG L . -21.00 -29.04 -0.52
C2 NAG L . -22.11 -30.01 -0.12
C3 NAG L . -22.51 -30.87 -1.32
C4 NAG L . -22.87 -29.98 -2.50
C5 NAG L . -21.73 -29.00 -2.80
C6 NAG L . -22.08 -28.02 -3.89
C7 NAG L . -22.55 -31.32 1.91
C8 NAG L . -21.95 -32.17 2.99
N2 NAG L . -21.70 -30.85 1.00
O3 NAG L . -23.63 -31.68 -0.96
O4 NAG L . -23.11 -30.78 -3.65
O5 NAG L . -21.42 -28.24 -1.63
O6 NAG L . -22.06 -26.69 -3.40
O7 NAG L . -23.75 -31.07 1.87
C1 NAG M . -20.47 25.70 2.61
C2 NAG M . -20.57 26.34 1.23
C3 NAG M . -21.71 27.36 1.17
C4 NAG M . -23.00 26.73 1.68
C5 NAG M . -22.77 26.19 3.07
C6 NAG M . -24.00 25.51 3.66
C7 NAG M . -18.54 26.52 -0.13
C8 NAG M . -17.27 27.28 -0.38
N2 NAG M . -19.31 26.97 0.85
O3 NAG M . -21.84 27.75 -0.19
O4 NAG M . -24.13 27.60 1.70
O5 NAG M . -21.73 25.20 3.02
O6 NAG M . -23.63 24.49 4.57
O7 NAG M . -18.83 25.53 -0.80
C1 NAG M . -23.95 28.99 1.37
C2 NAG M . -24.64 29.25 0.03
C3 NAG M . -24.52 30.72 -0.36
C4 NAG M . -25.04 31.60 0.76
C5 NAG M . -24.33 31.25 2.07
C6 NAG M . -24.87 32.01 3.27
C7 NAG M . -24.54 27.16 -1.27
C8 NAG M . -23.84 26.43 -2.38
N2 NAG M . -24.10 28.40 -1.02
O3 NAG M . -25.27 30.96 -1.54
O4 NAG M . -24.79 32.98 0.46
O5 NAG M . -24.50 29.85 2.36
O6 NAG M . -26.29 32.14 3.19
O7 NAG M . -25.45 26.66 -0.62
#